data_2VQQ
#
_entry.id   2VQQ
#
_cell.length_a   85.605
_cell.length_b   70.673
_cell.length_c   88.201
_cell.angle_alpha   90.00
_cell.angle_beta   108.08
_cell.angle_gamma   90.00
#
_symmetry.space_group_name_H-M   'P 1 21 1'
#
loop_
_entity.id
_entity.type
_entity.pdbx_description
1 polymer 'HISTONE DEACETYLASE 4'
2 non-polymer 'SULFATE ION'
3 non-polymer 'POTASSIUM ION'
4 non-polymer 2,2,2-TRIFLUORO-1-{5-[(3-PHENYL-5,6-DIHYDROIMIDAZO[1,2-A]PYRAZIN-7(8H)-YL)CARBONYL]THIOPHEN-2-YL}ETHANE-1,1-DIOL
5 non-polymer 'ZINC ION'
6 water water
#
_entity_poly.entity_id   1
_entity_poly.type   'polypeptide(L)'
_entity_poly.pdbx_seq_one_letter_code
;GAMTKPRFTTGLVYDTLMLKHQCTAGSSSSHPEHAGRIQSIWSRLQETGLRGKCEAIRGRKATLEELQTVHSEAHTLLYG
TNPLNRQKLDSKKLLGSLASVFVRLPCGGVGVDSDTIWNEVHSAGAARLAVGCVVELVFKVATGELKNGFAVVRPPGHHA
EESTPMGFCYFNSVAVAAKLLQQRLSVSKILIVDWDVHHGNGTQQAFYSDPSVLYMSLHRYDDGNFFPGSGAPDEVGTGP
GVGFNVNMAFTGGLDPPMGDAEYLAAFRTVVMPIASEFAPDVVLVSSGFDAVEGHPTPLGGYNLSARCFGYLTKQLMGLA
GGRIVLALEGGHDLTAICDASEACVSALLGNELDPLPEKVLQQRPNANAVRSMEKVMEIHSKYWRCLQRTTSTAGRSLIE
AQTCENEEAETVT
;
_entity_poly.pdbx_strand_id   A,B
#
# COMPACT_ATOMS: atom_id res chain seq x y z
N ARG A 7 -13.53 25.64 28.56
CA ARG A 7 -13.37 27.01 27.94
C ARG A 7 -13.63 26.96 26.43
N PHE A 8 -14.34 27.98 25.93
CA PHE A 8 -14.63 28.09 24.50
C PHE A 8 -13.38 28.62 23.78
N THR A 9 -12.52 27.70 23.38
CA THR A 9 -11.23 28.06 22.78
C THR A 9 -10.76 26.98 21.81
N THR A 10 -9.49 27.05 21.42
CA THR A 10 -8.95 26.10 20.48
C THR A 10 -8.67 24.78 21.18
N GLY A 11 -9.17 23.69 20.60
CA GLY A 11 -8.92 22.34 21.08
C GLY A 11 -7.77 21.65 20.36
N LEU A 12 -7.19 20.68 21.03
CA LEU A 12 -6.17 19.80 20.44
C LEU A 12 -6.53 18.35 20.78
N VAL A 13 -6.13 17.40 19.91
CA VAL A 13 -6.11 15.97 20.28
C VAL A 13 -4.71 15.40 20.00
N TYR A 14 -4.24 14.56 20.92
CA TYR A 14 -2.98 13.85 20.79
C TYR A 14 -3.11 12.62 21.69
N ASP A 15 -2.48 11.51 21.30
CA ASP A 15 -2.46 10.30 22.13
C ASP A 15 -1.16 9.54 21.90
N THR A 16 -0.44 9.28 22.99
CA THR A 16 0.84 8.58 22.93
C THR A 16 0.69 7.13 22.44
N LEU A 17 -0.52 6.59 22.49
CA LEU A 17 -0.80 5.25 21.94
C LEU A 17 -0.71 5.20 20.41
N MET A 18 -0.71 6.37 19.75
CA MET A 18 -0.42 6.41 18.32
C MET A 18 1.08 6.33 18.01
N LEU A 19 1.95 6.50 19.00
CA LEU A 19 3.40 6.53 18.72
C LEU A 19 3.91 5.16 18.25
N LYS A 20 4.90 5.20 17.35
CA LYS A 20 5.49 3.97 16.79
C LYS A 20 6.20 3.13 17.85
N HIS A 21 7.06 3.77 18.64
CA HIS A 21 7.79 3.08 19.71
C HIS A 21 6.89 2.92 20.95
N GLN A 22 6.66 1.67 21.36
CA GLN A 22 5.81 1.40 22.51
C GLN A 22 6.29 0.17 23.27
N HIS A 34 14.14 10.19 20.88
CA HIS A 34 14.04 9.88 19.45
C HIS A 34 12.61 10.09 18.94
N ALA A 35 12.22 11.36 18.82
CA ALA A 35 10.83 11.73 18.57
C ALA A 35 10.47 11.70 17.09
N GLY A 36 9.33 11.10 16.77
CA GLY A 36 8.76 11.13 15.43
C GLY A 36 8.00 12.43 15.15
N ARG A 37 7.10 12.37 14.17
CA ARG A 37 6.37 13.56 13.70
C ARG A 37 5.37 14.11 14.72
N ILE A 38 4.41 13.30 15.15
CA ILE A 38 3.40 13.79 16.10
C ILE A 38 3.99 14.17 17.47
N GLN A 39 5.01 13.42 17.93
CA GLN A 39 5.67 13.73 19.20
C GLN A 39 6.47 15.04 19.10
N SER A 40 7.10 15.27 17.96
CA SER A 40 7.82 16.51 17.72
C SER A 40 6.85 17.72 17.63
N ILE A 41 5.71 17.53 16.97
CA ILE A 41 4.69 18.59 16.88
C ILE A 41 4.15 18.93 18.27
N TRP A 42 3.81 17.89 19.03
CA TRP A 42 3.31 18.07 20.40
C TRP A 42 4.31 18.83 21.28
N SER A 43 5.59 18.48 21.17
CA SER A 43 6.65 19.15 21.91
C SER A 43 6.79 20.63 21.53
N ARG A 44 6.74 20.94 20.24
CA ARG A 44 6.78 22.33 19.79
C ARG A 44 5.63 23.15 20.42
N LEU A 45 4.43 22.58 20.41
CA LEU A 45 3.25 23.26 20.95
C LEU A 45 3.41 23.52 22.47
N GLN A 46 4.04 22.59 23.17
CA GLN A 46 4.35 22.76 24.60
C GLN A 46 5.36 23.89 24.84
N GLU A 47 6.51 23.79 24.15
CA GLU A 47 7.64 24.72 24.31
C GLU A 47 7.29 26.17 23.97
N THR A 48 6.42 26.35 22.98
CA THR A 48 6.00 27.68 22.54
C THR A 48 4.93 28.29 23.44
N GLY A 49 4.38 27.50 24.36
CA GLY A 49 3.26 27.95 25.19
C GLY A 49 1.88 27.81 24.54
N LEU A 50 1.83 27.44 23.26
CA LEU A 50 0.54 27.33 22.55
C LEU A 50 -0.34 26.24 23.17
N ARG A 51 0.27 25.12 23.53
CA ARG A 51 -0.44 24.02 24.21
C ARG A 51 -1.18 24.53 25.44
N GLY A 52 -0.55 25.43 26.20
CA GLY A 52 -1.14 25.99 27.42
C GLY A 52 -2.40 26.80 27.20
N LYS A 53 -2.53 27.40 26.02
CA LYS A 53 -3.69 28.21 25.67
CA LYS A 53 -3.70 28.20 25.67
C LYS A 53 -4.86 27.38 25.09
N CYS A 54 -4.59 26.11 24.77
CA CYS A 54 -5.60 25.23 24.17
C CYS A 54 -6.23 24.27 25.18
N GLU A 55 -7.36 23.69 24.78
CA GLU A 55 -7.98 22.60 25.51
C GLU A 55 -7.65 21.25 24.84
N ALA A 56 -6.74 20.49 25.44
CA ALA A 56 -6.42 19.14 24.96
C ALA A 56 -7.50 18.18 25.42
N ILE A 57 -8.13 17.48 24.49
CA ILE A 57 -9.25 16.59 24.80
C ILE A 57 -8.80 15.13 24.82
N ARG A 58 -9.65 14.25 25.32
CA ARG A 58 -9.34 12.81 25.37
C ARG A 58 -9.81 12.15 24.09
N GLY A 59 -8.90 11.45 23.42
CA GLY A 59 -9.23 10.66 22.25
C GLY A 59 -9.78 9.30 22.60
N ARG A 60 -10.04 8.50 21.57
CA ARG A 60 -10.57 7.15 21.71
C ARG A 60 -10.47 6.44 20.37
N LYS A 61 -10.60 5.11 20.38
CA LYS A 61 -10.75 4.35 19.16
C LYS A 61 -12.08 4.67 18.48
N ALA A 62 -12.05 4.79 17.15
CA ALA A 62 -13.29 4.74 16.38
C ALA A 62 -13.93 3.37 16.57
N THR A 63 -15.26 3.31 16.53
CA THR A 63 -15.96 2.02 16.54
C THR A 63 -15.88 1.40 15.13
N LEU A 64 -16.03 0.09 15.05
CA LEU A 64 -16.09 -0.59 13.76
C LEU A 64 -17.23 -0.02 12.89
N GLU A 65 -18.36 0.30 13.53
CA GLU A 65 -19.51 0.92 12.86
C GLU A 65 -19.17 2.30 12.28
N GLU A 66 -18.51 3.14 13.08
CA GLU A 66 -18.05 4.45 12.61
C GLU A 66 -17.12 4.33 11.41
N LEU A 67 -16.17 3.39 11.44
CA LEU A 67 -15.24 3.19 10.33
C LEU A 67 -15.97 2.78 9.06
N GLN A 68 -17.08 2.05 9.24
CA GLN A 68 -17.88 1.53 8.13
C GLN A 68 -18.80 2.57 7.44
N THR A 69 -18.81 3.82 7.92
CA THR A 69 -19.46 4.91 7.17
C THR A 69 -18.72 5.22 5.86
N VAL A 70 -17.44 4.87 5.81
CA VAL A 70 -16.63 5.07 4.62
C VAL A 70 -16.11 3.75 4.04
N HIS A 71 -15.72 2.82 4.91
CA HIS A 71 -15.05 1.60 4.50
C HIS A 71 -15.94 0.36 4.54
N SER A 72 -15.54 -0.66 3.80
CA SER A 72 -16.28 -1.92 3.75
C SER A 72 -16.12 -2.67 5.07
N GLU A 73 -17.07 -3.56 5.37
CA GLU A 73 -16.98 -4.38 6.57
C GLU A 73 -15.69 -5.20 6.60
N ALA A 74 -15.36 -5.83 5.47
CA ALA A 74 -14.18 -6.70 5.39
C ALA A 74 -12.90 -5.90 5.65
N HIS A 75 -12.80 -4.74 5.02
CA HIS A 75 -11.66 -3.85 5.26
C HIS A 75 -11.54 -3.48 6.74
N THR A 76 -12.65 -3.06 7.35
CA THR A 76 -12.67 -2.65 8.75
CA THR A 76 -12.65 -2.63 8.75
C THR A 76 -12.33 -3.80 9.70
N LEU A 77 -12.88 -4.98 9.41
CA LEU A 77 -12.58 -6.16 10.22
C LEU A 77 -11.11 -6.58 10.13
N LEU A 78 -10.54 -6.56 8.93
CA LEU A 78 -9.14 -6.96 8.72
C LEU A 78 -8.17 -6.03 9.47
N TYR A 79 -8.27 -4.72 9.24
CA TYR A 79 -7.31 -3.77 9.78
C TYR A 79 -7.71 -3.19 11.13
N GLY A 80 -8.99 -3.25 11.47
CA GLY A 80 -9.49 -2.69 12.72
C GLY A 80 -9.52 -3.64 13.91
N THR A 81 -9.28 -4.94 13.69
CA THR A 81 -9.27 -5.93 14.78
C THR A 81 -7.86 -6.31 15.22
N ASN A 82 -7.60 -6.28 16.53
CA ASN A 82 -6.35 -6.78 17.11
C ASN A 82 -6.19 -8.30 16.90
N PRO A 83 -5.07 -8.75 16.27
CA PRO A 83 -4.87 -10.19 16.05
C PRO A 83 -4.77 -11.04 17.33
N LEU A 84 -4.29 -10.44 18.42
CA LEU A 84 -4.20 -11.11 19.73
C LEU A 84 -5.06 -10.41 20.77
N VAL A 112 7.27 -3.78 20.78
CA VAL A 112 7.13 -4.16 19.37
C VAL A 112 8.37 -3.76 18.57
N ASP A 113 8.87 -4.70 17.77
CA ASP A 113 10.02 -4.44 16.92
C ASP A 113 9.54 -3.69 15.67
N SER A 114 10.03 -2.46 15.49
CA SER A 114 9.54 -1.61 14.40
C SER A 114 9.99 -2.13 13.01
N ASP A 115 10.98 -3.02 13.00
CA ASP A 115 11.47 -3.62 11.76
C ASP A 115 10.70 -4.88 11.35
N THR A 116 9.67 -5.26 12.11
CA THR A 116 8.87 -6.46 11.82
C THR A 116 7.45 -6.12 11.39
N ILE A 117 6.74 -7.11 10.84
CA ILE A 117 5.36 -6.96 10.37
C ILE A 117 4.41 -6.43 11.45
N TRP A 118 4.76 -6.62 12.71
CA TRP A 118 3.95 -6.16 13.84
C TRP A 118 3.95 -4.63 13.98
N ASN A 119 4.92 -3.97 13.35
CA ASN A 119 4.92 -2.51 13.18
C ASN A 119 3.70 -2.04 12.40
N GLU A 120 3.38 -2.76 11.31
CA GLU A 120 2.22 -2.45 10.47
C GLU A 120 0.89 -2.78 11.15
N VAL A 121 0.87 -3.86 11.93
CA VAL A 121 -0.31 -4.16 12.74
C VAL A 121 -0.57 -3.00 13.71
N HIS A 122 0.49 -2.54 14.38
CA HIS A 122 0.37 -1.40 15.29
C HIS A 122 -0.06 -0.11 14.57
N SER A 123 0.50 0.14 13.39
CA SER A 123 0.12 1.32 12.60
C SER A 123 -1.36 1.31 12.25
N ALA A 124 -1.90 0.13 11.92
CA ALA A 124 -3.34 -0.02 11.65
C ALA A 124 -4.20 0.23 12.90
N GLY A 125 -3.70 -0.19 14.06
CA GLY A 125 -4.34 0.11 15.35
C GLY A 125 -4.26 1.61 15.67
N ALA A 126 -3.09 2.19 15.42
CA ALA A 126 -2.91 3.65 15.52
C ALA A 126 -3.90 4.41 14.63
N ALA A 127 -4.17 3.87 13.43
CA ALA A 127 -5.13 4.48 12.51
C ALA A 127 -6.55 4.48 13.07
N ARG A 128 -6.97 3.35 13.64
CA ARG A 128 -8.26 3.27 14.31
C ARG A 128 -8.39 4.31 15.44
N LEU A 129 -7.31 4.53 16.19
CA LEU A 129 -7.28 5.54 17.25
C LEU A 129 -7.32 6.97 16.69
N ALA A 130 -6.53 7.20 15.65
CA ALA A 130 -6.51 8.49 14.95
C ALA A 130 -7.91 8.91 14.48
N VAL A 131 -8.70 7.97 13.95
CA VAL A 131 -10.06 8.28 13.48
C VAL A 131 -10.95 8.76 14.66
N GLY A 132 -10.88 8.03 15.77
CA GLY A 132 -11.64 8.41 16.97
C GLY A 132 -11.21 9.73 17.58
N CYS A 133 -9.93 10.02 17.54
CA CYS A 133 -9.39 11.30 18.01
C CYS A 133 -9.93 12.46 17.14
N VAL A 134 -9.94 12.28 15.82
CA VAL A 134 -10.44 13.31 14.90
C VAL A 134 -11.96 13.51 15.04
N VAL A 135 -12.71 12.40 15.08
CA VAL A 135 -14.15 12.44 15.34
C VAL A 135 -14.52 13.20 16.62
N GLU A 136 -13.83 12.90 17.72
CA GLU A 136 -14.09 13.56 19.01
C GLU A 136 -13.88 15.08 18.94
N LEU A 137 -12.76 15.50 18.34
CA LEU A 137 -12.43 16.93 18.21
C LEU A 137 -13.45 17.61 17.31
N VAL A 138 -13.78 16.96 16.18
CA VAL A 138 -14.72 17.51 15.21
C VAL A 138 -16.10 17.72 15.84
N PHE A 139 -16.56 16.75 16.62
CA PHE A 139 -17.87 16.89 17.28
C PHE A 139 -17.88 17.99 18.34
N LYS A 140 -16.79 18.15 19.08
CA LYS A 140 -16.72 19.20 20.09
C LYS A 140 -16.73 20.61 19.50
N VAL A 141 -16.15 20.77 18.32
CA VAL A 141 -16.20 22.05 17.60
C VAL A 141 -17.56 22.26 16.96
N ALA A 142 -18.10 21.21 16.33
CA ALA A 142 -19.38 21.30 15.61
C ALA A 142 -20.58 21.54 16.53
N THR A 143 -20.46 21.14 17.80
CA THR A 143 -21.51 21.35 18.81
C THR A 143 -21.28 22.64 19.59
N GLY A 144 -20.13 23.26 19.40
CA GLY A 144 -19.79 24.51 20.03
C GLY A 144 -19.19 24.39 21.41
N GLU A 145 -18.87 23.17 21.84
CA GLU A 145 -18.12 23.00 23.08
C GLU A 145 -16.76 23.69 22.97
N LEU A 146 -16.16 23.59 21.78
CA LEU A 146 -14.92 24.29 21.47
C LEU A 146 -15.11 25.15 20.22
N LYS A 147 -14.23 26.15 20.08
CA LYS A 147 -14.30 27.10 18.97
C LYS A 147 -13.79 26.48 17.67
N ASN A 148 -12.60 25.87 17.75
CA ASN A 148 -11.95 25.25 16.59
C ASN A 148 -10.89 24.23 17.09
N GLY A 149 -10.14 23.62 16.20
CA GLY A 149 -9.16 22.63 16.65
C GLY A 149 -8.12 22.15 15.67
N PHE A 150 -7.08 21.53 16.23
CA PHE A 150 -6.01 20.88 15.48
C PHE A 150 -5.79 19.46 16.03
N ALA A 151 -5.84 18.47 15.16
CA ALA A 151 -5.66 17.06 15.54
C ALA A 151 -4.26 16.62 15.18
N VAL A 152 -3.45 16.33 16.20
CA VAL A 152 -2.08 15.89 16.05
C VAL A 152 -2.08 14.35 16.00
N VAL A 153 -2.36 13.81 14.81
CA VAL A 153 -2.65 12.39 14.64
C VAL A 153 -1.79 11.74 13.53
N ARG A 154 -1.55 10.44 13.70
CA ARG A 154 -0.95 9.60 12.67
C ARG A 154 -1.50 8.17 12.80
N PRO A 155 -1.46 7.37 11.73
CA PRO A 155 -1.04 7.68 10.35
C PRO A 155 -2.02 8.66 9.68
N PRO A 156 -1.65 9.18 8.50
CA PRO A 156 -2.59 9.97 7.70
C PRO A 156 -3.74 9.10 7.17
N GLY A 157 -4.80 9.74 6.67
CA GLY A 157 -6.00 9.05 6.22
C GLY A 157 -6.45 9.26 4.79
N HIS A 158 -6.02 10.36 4.17
CA HIS A 158 -6.68 10.85 2.96
C HIS A 158 -6.51 9.97 1.69
N HIS A 159 -5.56 9.03 1.70
CA HIS A 159 -5.43 8.10 0.55
C HIS A 159 -6.26 6.81 0.69
N ALA A 160 -6.70 6.47 1.90
CA ALA A 160 -7.40 5.19 2.10
C ALA A 160 -8.76 5.19 1.41
N GLU A 161 -8.97 4.22 0.53
CA GLU A 161 -10.21 4.10 -0.21
C GLU A 161 -11.15 3.09 0.49
N GLU A 162 -12.35 2.94 -0.06
CA GLU A 162 -13.40 2.13 0.59
C GLU A 162 -12.89 0.78 1.10
N SER A 163 -12.18 0.04 0.25
CA SER A 163 -11.65 -1.25 0.67
C SER A 163 -10.17 -1.46 0.27
N THR A 164 -9.42 -0.37 0.22
CA THR A 164 -8.01 -0.39 -0.16
C THR A 164 -7.20 0.57 0.72
N PRO A 165 -6.30 0.05 1.56
CA PRO A 165 -5.35 0.94 2.21
C PRO A 165 -4.24 1.26 1.20
N MET A 166 -3.64 2.43 1.34
CA MET A 166 -2.56 2.85 0.44
C MET A 166 -1.95 4.15 0.92
N GLY A 167 -0.74 4.43 0.45
CA GLY A 167 -0.04 5.67 0.79
C GLY A 167 0.03 5.91 2.29
N PHE A 168 0.38 4.86 3.04
CA PHE A 168 0.49 4.92 4.52
C PHE A 168 -0.86 5.08 5.27
N CYS A 169 -1.97 5.03 4.55
CA CYS A 169 -3.31 5.27 5.11
C CYS A 169 -4.13 3.98 5.18
N TYR A 170 -4.71 3.73 6.36
CA TYR A 170 -5.62 2.60 6.58
C TYR A 170 -7.07 3.02 6.59
N PHE A 171 -7.36 4.13 7.30
CA PHE A 171 -8.71 4.66 7.45
C PHE A 171 -8.72 6.15 7.22
N ASN A 172 -9.73 6.63 6.50
CA ASN A 172 -9.88 8.04 6.16
C ASN A 172 -10.60 8.80 7.27
N SER A 173 -9.80 9.21 8.26
CA SER A 173 -10.24 9.92 9.45
C SER A 173 -11.14 11.13 9.20
N VAL A 174 -10.72 11.99 8.26
CA VAL A 174 -11.51 13.19 7.94
C VAL A 174 -12.85 12.85 7.29
N ALA A 175 -12.85 11.90 6.37
CA ALA A 175 -14.09 11.49 5.71
C ALA A 175 -15.08 10.86 6.69
N VAL A 176 -14.57 10.02 7.59
CA VAL A 176 -15.42 9.40 8.63
C VAL A 176 -16.03 10.46 9.55
N ALA A 177 -15.23 11.43 10.00
CA ALA A 177 -15.74 12.58 10.79
C ALA A 177 -16.90 13.29 10.05
N ALA A 178 -16.71 13.52 8.75
CA ALA A 178 -17.71 14.17 7.92
C ALA A 178 -18.98 13.32 7.75
N LYS A 179 -18.84 12.02 7.55
CA LYS A 179 -20.00 11.12 7.43
C LYS A 179 -20.84 11.14 8.72
N LEU A 180 -20.15 11.16 9.87
CA LEU A 180 -20.83 11.14 11.17
C LEU A 180 -21.51 12.48 11.49
N LEU A 181 -20.88 13.59 11.08
CA LEU A 181 -21.54 14.90 11.18
C LEU A 181 -22.87 14.89 10.43
N GLN A 182 -22.89 14.29 9.25
CA GLN A 182 -24.12 14.16 8.47
C GLN A 182 -25.14 13.25 9.14
N GLN A 183 -24.70 12.06 9.53
CA GLN A 183 -25.60 11.03 10.05
C GLN A 183 -26.09 11.31 11.47
N ARG A 184 -25.25 11.89 12.31
CA ARG A 184 -25.59 12.11 13.72
C ARG A 184 -26.08 13.53 14.06
N LEU A 185 -25.62 14.53 13.31
CA LEU A 185 -26.01 15.94 13.57
C LEU A 185 -26.72 16.61 12.38
N SER A 186 -26.97 15.85 11.31
CA SER A 186 -27.63 16.38 10.12
C SER A 186 -27.02 17.69 9.62
N VAL A 187 -25.69 17.77 9.59
CA VAL A 187 -25.02 19.00 9.14
C VAL A 187 -25.25 19.15 7.63
N SER A 188 -25.81 20.29 7.23
CA SER A 188 -26.31 20.47 5.87
C SER A 188 -25.19 20.59 4.84
N LYS A 189 -24.15 21.33 5.20
CA LYS A 189 -23.06 21.64 4.28
CA LYS A 189 -23.06 21.64 4.28
C LYS A 189 -21.71 21.55 4.98
N ILE A 190 -20.82 20.74 4.41
CA ILE A 190 -19.47 20.56 4.95
C ILE A 190 -18.46 20.88 3.83
N LEU A 191 -17.49 21.73 4.14
CA LEU A 191 -16.34 21.95 3.27
C LEU A 191 -15.17 21.11 3.77
N ILE A 192 -14.56 20.32 2.89
CA ILE A 192 -13.26 19.69 3.15
C ILE A 192 -12.20 20.28 2.23
N VAL A 193 -11.22 20.95 2.81
CA VAL A 193 -10.05 21.45 2.07
C VAL A 193 -8.86 20.54 2.40
N ASP A 194 -8.17 20.10 1.36
CA ASP A 194 -7.06 19.17 1.51
C ASP A 194 -5.85 19.82 0.87
N TRP A 195 -4.93 20.32 1.69
CA TRP A 195 -3.76 21.05 1.19
C TRP A 195 -2.43 20.31 1.32
N ASP A 196 -2.50 19.03 1.71
CA ASP A 196 -1.39 18.09 1.52
C ASP A 196 -0.97 18.21 0.04
N VAL A 197 0.32 18.05 -0.24
CA VAL A 197 0.81 18.20 -1.62
C VAL A 197 0.32 17.08 -2.56
N HIS A 198 -0.16 15.97 -2.00
CA HIS A 198 -0.68 14.86 -2.80
C HIS A 198 -2.22 14.84 -2.80
N HIS A 199 -2.82 14.45 -3.93
CA HIS A 199 -4.27 14.39 -4.05
C HIS A 199 -4.91 13.43 -3.03
N GLY A 200 -5.97 13.88 -2.36
CA GLY A 200 -6.72 13.04 -1.43
C GLY A 200 -7.73 12.16 -2.14
N ASN A 201 -7.23 11.10 -2.78
CA ASN A 201 -8.11 10.21 -3.57
C ASN A 201 -9.26 9.55 -2.79
N GLY A 202 -9.00 9.17 -1.54
CA GLY A 202 -10.05 8.54 -0.71
C GLY A 202 -11.19 9.50 -0.41
N THR A 203 -10.85 10.73 -0.01
CA THR A 203 -11.86 11.75 0.29
C THR A 203 -12.70 12.10 -0.96
N GLN A 204 -12.04 12.26 -2.11
CA GLN A 204 -12.75 12.49 -3.36
C GLN A 204 -13.76 11.35 -3.63
N GLN A 205 -13.30 10.11 -3.50
CA GLN A 205 -14.14 8.91 -3.68
C GLN A 205 -15.35 8.89 -2.74
N ALA A 206 -15.11 9.16 -1.46
CA ALA A 206 -16.14 9.08 -0.42
C ALA A 206 -17.35 9.99 -0.64
N PHE A 207 -17.13 11.14 -1.29
CA PHE A 207 -18.19 12.14 -1.45
C PHE A 207 -18.45 12.53 -2.91
N TYR A 208 -17.98 11.72 -3.86
CA TYR A 208 -17.99 12.13 -5.27
C TYR A 208 -19.40 12.40 -5.84
N SER A 209 -20.41 11.71 -5.30
CA SER A 209 -21.79 11.90 -5.76
C SER A 209 -22.63 12.78 -4.81
N ASP A 210 -21.99 13.35 -3.79
CA ASP A 210 -22.67 14.09 -2.73
C ASP A 210 -22.48 15.61 -2.89
N PRO A 211 -23.56 16.35 -3.24
CA PRO A 211 -23.44 17.82 -3.30
C PRO A 211 -23.44 18.53 -1.93
N SER A 212 -23.71 17.82 -0.84
CA SER A 212 -23.71 18.42 0.50
C SER A 212 -22.30 18.48 1.15
N VAL A 213 -21.30 17.93 0.47
CA VAL A 213 -19.91 18.05 0.91
C VAL A 213 -19.10 18.58 -0.27
N LEU A 214 -18.53 19.76 -0.12
CA LEU A 214 -17.64 20.32 -1.12
C LEU A 214 -16.20 19.89 -0.79
N TYR A 215 -15.60 19.11 -1.69
CA TYR A 215 -14.21 18.68 -1.54
C TYR A 215 -13.32 19.53 -2.46
N MET A 216 -12.34 20.21 -1.86
CA MET A 216 -11.40 21.05 -2.59
C MET A 216 -9.97 20.60 -2.27
N SER A 217 -9.27 20.10 -3.27
CA SER A 217 -7.89 19.66 -3.12
C SER A 217 -6.94 20.58 -3.87
N LEU A 218 -5.94 21.10 -3.15
CA LEU A 218 -4.77 21.70 -3.79
C LEU A 218 -3.67 20.64 -3.81
N HIS A 219 -3.10 20.36 -4.98
CA HIS A 219 -2.08 19.33 -5.08
C HIS A 219 -1.22 19.42 -6.33
N ARG A 220 0.00 18.89 -6.22
CA ARG A 220 0.85 18.71 -7.39
C ARG A 220 0.26 17.59 -8.22
N TYR A 221 0.01 17.87 -9.50
CA TYR A 221 -0.63 16.92 -10.39
C TYR A 221 0.26 16.57 -11.60
N ASP A 222 0.82 17.58 -12.25
CA ASP A 222 1.74 17.40 -13.39
C ASP A 222 1.19 16.43 -14.46
N ASP A 223 -0.06 16.63 -14.86
CA ASP A 223 -0.74 15.75 -15.83
C ASP A 223 -0.63 14.24 -15.53
N GLY A 224 -0.97 13.87 -14.30
CA GLY A 224 -1.11 12.46 -13.93
C GLY A 224 0.18 11.78 -13.49
N ASN A 225 1.26 12.56 -13.45
CA ASN A 225 2.61 12.03 -13.24
C ASN A 225 3.17 12.23 -11.82
N PHE A 226 2.28 12.29 -10.83
CA PHE A 226 2.71 12.47 -9.45
C PHE A 226 1.77 11.68 -8.52
N PHE A 227 2.33 11.04 -7.48
CA PHE A 227 1.54 10.16 -6.59
C PHE A 227 0.33 10.92 -6.01
N PRO A 228 -0.87 10.28 -5.98
CA PRO A 228 -1.19 8.91 -6.43
C PRO A 228 -1.67 8.78 -7.89
N GLY A 229 -1.67 9.87 -8.65
CA GLY A 229 -1.97 9.84 -10.08
C GLY A 229 -3.37 10.29 -10.42
N SER A 230 -4.16 10.59 -9.39
CA SER A 230 -5.53 11.02 -9.53
C SER A 230 -5.68 12.53 -9.30
N GLY A 231 -6.88 13.02 -9.47
CA GLY A 231 -7.22 14.42 -9.15
C GLY A 231 -6.96 15.40 -10.29
N ALA A 232 -7.37 15.01 -11.49
CA ALA A 232 -7.36 15.91 -12.64
C ALA A 232 -8.39 17.02 -12.45
N PRO A 233 -8.13 18.21 -13.00
CA PRO A 233 -9.09 19.32 -12.90
C PRO A 233 -10.48 18.98 -13.44
N ASP A 234 -10.54 18.09 -14.44
CA ASP A 234 -11.76 17.62 -15.13
CA ASP A 234 -11.82 17.74 -15.07
C ASP A 234 -12.69 16.81 -14.22
N GLU A 235 -12.12 16.25 -13.15
CA GLU A 235 -12.90 15.45 -12.18
C GLU A 235 -13.71 16.39 -11.28
N VAL A 236 -14.99 16.57 -11.62
CA VAL A 236 -15.83 17.58 -10.98
C VAL A 236 -16.97 16.98 -10.14
N GLY A 237 -17.04 15.65 -10.08
CA GLY A 237 -18.13 14.95 -9.40
C GLY A 237 -18.99 14.13 -10.36
N THR A 238 -19.97 13.43 -9.80
CA THR A 238 -20.90 12.63 -10.59
C THR A 238 -22.29 12.70 -9.97
N GLY A 239 -23.31 12.47 -10.79
CA GLY A 239 -24.70 12.52 -10.33
C GLY A 239 -25.11 13.90 -9.83
N PRO A 240 -25.80 13.96 -8.68
CA PRO A 240 -26.11 15.27 -8.09
C PRO A 240 -24.87 15.99 -7.56
N GLY A 241 -23.76 15.27 -7.41
CA GLY A 241 -22.50 15.85 -6.93
C GLY A 241 -21.69 16.61 -7.96
N VAL A 242 -22.17 16.67 -9.21
CA VAL A 242 -21.43 17.39 -10.26
C VAL A 242 -21.26 18.86 -9.85
N GLY A 243 -20.02 19.33 -9.91
CA GLY A 243 -19.65 20.68 -9.52
C GLY A 243 -19.11 20.82 -8.10
N PHE A 244 -19.26 19.78 -7.28
CA PHE A 244 -18.91 19.86 -5.86
C PHE A 244 -17.61 19.12 -5.50
N ASN A 245 -16.82 18.81 -6.52
CA ASN A 245 -15.46 18.30 -6.35
C ASN A 245 -14.51 19.21 -7.11
N VAL A 246 -13.63 19.90 -6.39
CA VAL A 246 -12.72 20.86 -7.01
C VAL A 246 -11.25 20.44 -6.84
N ASN A 247 -10.64 20.04 -7.94
CA ASN A 247 -9.21 19.72 -7.99
C ASN A 247 -8.37 20.90 -8.51
N MET A 248 -7.88 21.72 -7.58
CA MET A 248 -6.89 22.76 -7.85
C MET A 248 -5.54 22.09 -8.09
N ALA A 249 -5.40 21.55 -9.30
CA ALA A 249 -4.29 20.70 -9.69
C ALA A 249 -3.21 21.53 -10.36
N PHE A 250 -2.04 21.60 -9.72
CA PHE A 250 -0.89 22.28 -10.29
C PHE A 250 -0.14 21.38 -11.26
N THR A 251 0.08 21.90 -12.46
CA THR A 251 0.79 21.19 -13.54
CA THR A 251 0.83 21.17 -13.51
C THR A 251 1.97 22.04 -14.02
N GLY A 252 2.93 21.41 -14.69
CA GLY A 252 4.11 22.11 -15.20
C GLY A 252 5.41 21.71 -14.52
N GLY A 253 5.31 20.85 -13.50
CA GLY A 253 6.49 20.38 -12.80
C GLY A 253 7.11 21.42 -11.89
N LEU A 254 8.44 21.39 -11.81
CA LEU A 254 9.19 22.25 -10.90
C LEU A 254 9.99 23.31 -11.66
N ASP A 255 9.31 23.97 -12.58
CA ASP A 255 9.92 24.98 -13.46
C ASP A 255 9.15 26.32 -13.40
N PRO A 256 9.23 27.04 -12.27
CA PRO A 256 9.85 26.69 -11.00
C PRO A 256 8.86 25.99 -10.05
N PRO A 257 9.34 25.51 -8.89
CA PRO A 257 8.45 24.98 -7.86
C PRO A 257 7.35 25.96 -7.46
N MET A 258 6.20 25.45 -7.03
CA MET A 258 5.15 26.28 -6.49
C MET A 258 5.58 26.76 -5.10
N GLY A 259 5.23 28.01 -4.77
CA GLY A 259 5.54 28.60 -3.47
C GLY A 259 4.36 29.40 -2.93
N ASP A 260 4.64 30.26 -1.96
CA ASP A 260 3.59 31.03 -1.28
C ASP A 260 2.72 31.85 -2.23
N ALA A 261 3.34 32.57 -3.16
CA ALA A 261 2.60 33.42 -4.10
C ALA A 261 1.58 32.62 -4.92
N GLU A 262 1.95 31.40 -5.32
CA GLU A 262 1.10 30.55 -6.13
C GLU A 262 -0.12 30.01 -5.34
N TYR A 263 0.12 29.59 -4.09
CA TYR A 263 -0.97 29.09 -3.24
C TYR A 263 -1.90 30.20 -2.77
N LEU A 264 -1.33 31.34 -2.40
CA LEU A 264 -2.13 32.51 -2.04
C LEU A 264 -3.04 32.93 -3.20
N ALA A 265 -2.49 32.95 -4.40
CA ALA A 265 -3.26 33.23 -5.61
C ALA A 265 -4.35 32.18 -5.87
N ALA A 266 -4.06 30.90 -5.63
CA ALA A 266 -5.06 29.84 -5.78
C ALA A 266 -6.22 30.02 -4.76
N PHE A 267 -5.90 30.45 -3.56
CA PHE A 267 -6.91 30.76 -2.53
C PHE A 267 -7.77 31.95 -2.93
N ARG A 268 -7.11 32.96 -3.50
CA ARG A 268 -7.78 34.17 -3.95
C ARG A 268 -8.76 33.91 -5.08
N THR A 269 -8.35 33.12 -6.07
CA THR A 269 -9.12 32.97 -7.32
C THR A 269 -10.07 31.77 -7.37
N VAL A 270 -9.71 30.67 -6.71
CA VAL A 270 -10.48 29.41 -6.76
C VAL A 270 -11.09 29.02 -5.42
N VAL A 271 -10.27 28.89 -4.37
CA VAL A 271 -10.73 28.27 -3.12
C VAL A 271 -11.75 29.13 -2.37
N MET A 272 -11.38 30.37 -2.07
CA MET A 272 -12.24 31.24 -1.26
C MET A 272 -13.50 31.71 -1.97
N PRO A 273 -13.41 32.07 -3.27
CA PRO A 273 -14.65 32.40 -3.99
C PRO A 273 -15.65 31.24 -4.01
N ILE A 274 -15.21 30.05 -4.39
CA ILE A 274 -16.07 28.85 -4.40
C ILE A 274 -16.57 28.48 -3.00
N ALA A 275 -15.67 28.48 -2.02
CA ALA A 275 -16.04 28.12 -0.64
C ALA A 275 -17.05 29.11 -0.04
N SER A 276 -16.87 30.40 -0.31
CA SER A 276 -17.80 31.43 0.15
C SER A 276 -19.19 31.28 -0.44
N GLU A 277 -19.26 31.00 -1.74
CA GLU A 277 -20.52 30.77 -2.43
C GLU A 277 -21.25 29.57 -1.82
N PHE A 278 -20.51 28.49 -1.59
CA PHE A 278 -21.03 27.28 -0.96
C PHE A 278 -21.56 27.56 0.45
N ALA A 279 -20.84 28.37 1.21
CA ALA A 279 -21.22 28.75 2.57
C ALA A 279 -21.37 27.53 3.50
N PRO A 280 -20.26 26.86 3.82
CA PRO A 280 -20.37 25.65 4.65
C PRO A 280 -20.76 25.96 6.09
N ASP A 281 -21.33 24.96 6.75
CA ASP A 281 -21.65 25.03 8.19
C ASP A 281 -20.45 24.65 9.09
N VAL A 282 -19.59 23.77 8.55
CA VAL A 282 -18.37 23.32 9.21
C VAL A 282 -17.29 23.15 8.15
N VAL A 283 -16.05 23.47 8.51
CA VAL A 283 -14.87 23.25 7.65
C VAL A 283 -13.93 22.19 8.27
N LEU A 284 -13.58 21.17 7.49
CA LEU A 284 -12.57 20.21 7.89
C LEU A 284 -11.38 20.35 6.94
N VAL A 285 -10.17 20.30 7.50
CA VAL A 285 -8.94 20.41 6.70
C VAL A 285 -8.03 19.17 6.88
N SER A 286 -7.78 18.48 5.77
CA SER A 286 -6.71 17.48 5.67
C SER A 286 -5.43 18.29 5.52
N SER A 287 -4.78 18.53 6.65
CA SER A 287 -3.65 19.45 6.76
CA SER A 287 -3.65 19.46 6.73
C SER A 287 -2.32 18.73 6.70
N GLY A 288 -1.91 18.36 5.49
CA GLY A 288 -0.57 17.85 5.26
C GLY A 288 0.34 19.05 5.04
N PHE A 289 1.60 18.90 5.41
CA PHE A 289 2.58 19.98 5.33
C PHE A 289 3.79 19.62 4.44
N ASP A 290 3.62 18.63 3.56
CA ASP A 290 4.68 18.23 2.61
C ASP A 290 4.91 19.23 1.44
N ALA A 291 4.07 20.26 1.33
CA ALA A 291 4.34 21.35 0.38
C ALA A 291 5.34 22.37 0.92
N VAL A 292 5.67 22.30 2.21
CA VAL A 292 6.61 23.24 2.82
C VAL A 292 8.04 22.97 2.35
N GLU A 293 8.81 24.04 2.19
CA GLU A 293 10.22 23.93 1.76
C GLU A 293 10.97 22.98 2.69
N GLY A 294 11.79 22.12 2.11
CA GLY A 294 12.53 21.11 2.85
C GLY A 294 12.10 19.68 2.58
N HIS A 295 11.04 19.51 1.80
CA HIS A 295 10.59 18.18 1.36
C HIS A 295 11.06 17.94 -0.09
N PRO A 296 11.96 16.98 -0.29
CA PRO A 296 12.57 16.78 -1.62
C PRO A 296 11.67 16.16 -2.71
N THR A 297 12.01 16.59 -3.94
CA THR A 297 11.39 16.34 -5.29
C THR A 297 10.31 15.33 -5.62
N PRO A 298 10.36 14.08 -5.10
CA PRO A 298 9.20 13.17 -5.15
C PRO A 298 8.26 13.21 -3.91
N LEU A 299 8.84 13.31 -2.71
CA LEU A 299 8.06 13.38 -1.47
C LEU A 299 7.84 14.84 -1.07
N GLY A 300 7.45 15.66 -2.05
CA GLY A 300 7.38 17.11 -1.88
C GLY A 300 7.81 17.75 -3.18
N GLY A 301 8.64 18.78 -3.10
CA GLY A 301 9.16 19.48 -4.27
C GLY A 301 8.80 20.96 -4.33
N TYR A 302 7.86 21.38 -3.48
CA TYR A 302 7.41 22.77 -3.45
C TYR A 302 8.14 23.53 -2.33
N ASN A 303 8.08 24.87 -2.38
CA ASN A 303 8.82 25.68 -1.40
CA ASN A 303 8.83 25.76 -1.51
C ASN A 303 7.96 26.70 -0.67
N LEU A 304 6.78 26.25 -0.26
CA LEU A 304 5.94 27.02 0.67
CA LEU A 304 5.97 27.05 0.65
C LEU A 304 6.69 27.29 1.97
N SER A 305 6.34 28.38 2.63
CA SER A 305 6.82 28.66 3.97
C SER A 305 5.78 28.14 4.97
N ALA A 306 6.24 27.80 6.17
CA ALA A 306 5.34 27.42 7.25
C ALA A 306 4.40 28.57 7.60
N ARG A 307 4.93 29.79 7.61
CA ARG A 307 4.15 30.99 7.86
C ARG A 307 2.91 31.11 6.97
N CYS A 308 3.04 30.70 5.71
CA CYS A 308 1.93 30.78 4.74
C CYS A 308 0.72 29.95 5.18
N PHE A 309 0.97 28.81 5.81
CA PHE A 309 -0.13 27.96 6.31
C PHE A 309 -0.96 28.63 7.42
N GLY A 310 -0.32 29.46 8.25
CA GLY A 310 -1.05 30.31 9.20
C GLY A 310 -2.05 31.23 8.49
N TYR A 311 -1.60 31.86 7.41
CA TYR A 311 -2.47 32.74 6.65
CA TYR A 311 -2.42 32.76 6.59
C TYR A 311 -3.58 31.98 5.94
N LEU A 312 -3.26 30.81 5.38
CA LEU A 312 -4.28 29.96 4.76
C LEU A 312 -5.33 29.50 5.79
N THR A 313 -4.88 29.17 6.99
CA THR A 313 -5.80 28.83 8.09
C THR A 313 -6.72 30.02 8.44
N LYS A 314 -6.13 31.20 8.60
CA LYS A 314 -6.88 32.41 8.93
CA LYS A 314 -6.87 32.42 8.91
C LYS A 314 -7.95 32.71 7.87
N GLN A 315 -7.61 32.47 6.60
CA GLN A 315 -8.60 32.63 5.52
C GLN A 315 -9.79 31.69 5.71
N LEU A 316 -9.54 30.39 5.94
CA LEU A 316 -10.62 29.42 6.14
C LEU A 316 -11.46 29.71 7.39
N MET A 317 -10.85 30.35 8.39
CA MET A 317 -11.56 30.75 9.62
C MET A 317 -12.67 31.78 9.40
N GLY A 318 -12.65 32.46 8.25
CA GLY A 318 -13.75 33.35 7.87
C GLY A 318 -15.00 32.64 7.38
N LEU A 319 -14.93 31.32 7.21
CA LEU A 319 -16.06 30.51 6.80
C LEU A 319 -16.65 29.77 8.01
N ALA A 320 -17.91 29.36 7.88
CA ALA A 320 -18.60 28.51 8.88
C ALA A 320 -18.63 29.08 10.30
N GLY A 321 -18.57 30.41 10.40
CA GLY A 321 -18.52 31.10 11.69
C GLY A 321 -17.25 30.82 12.49
N GLY A 322 -16.23 30.27 11.83
CA GLY A 322 -15.03 29.84 12.51
C GLY A 322 -15.03 28.37 12.96
N ARG A 323 -16.03 27.59 12.56
CA ARG A 323 -16.09 26.16 12.94
C ARG A 323 -15.18 25.32 12.06
N ILE A 324 -13.92 25.24 12.45
CA ILE A 324 -12.88 24.62 11.62
C ILE A 324 -12.01 23.68 12.45
N VAL A 325 -11.72 22.51 11.88
CA VAL A 325 -10.76 21.56 12.47
C VAL A 325 -9.75 21.15 11.40
N LEU A 326 -8.46 21.25 11.74
CA LEU A 326 -7.38 20.73 10.91
C LEU A 326 -6.92 19.38 11.46
N ALA A 327 -6.68 18.41 10.58
CA ALA A 327 -6.12 17.11 10.97
C ALA A 327 -4.83 16.87 10.20
N LEU A 328 -3.75 16.54 10.91
CA LEU A 328 -2.46 16.29 10.28
C LEU A 328 -2.57 15.13 9.29
N GLU A 329 -2.06 15.34 8.07
CA GLU A 329 -1.95 14.29 7.07
C GLU A 329 -0.45 14.02 6.86
N GLY A 330 0.09 14.32 5.68
CA GLY A 330 1.51 14.12 5.37
C GLY A 330 2.41 15.27 5.74
N GLY A 331 3.65 15.23 5.25
CA GLY A 331 4.76 16.05 5.72
C GLY A 331 5.68 15.19 6.57
N HIS A 332 6.99 15.40 6.48
CA HIS A 332 7.93 14.56 7.25
C HIS A 332 9.18 15.28 7.76
N ASP A 333 9.59 16.37 7.11
CA ASP A 333 10.70 17.16 7.64
C ASP A 333 10.28 17.78 8.96
N LEU A 334 10.97 17.42 10.04
CA LEU A 334 10.49 17.73 11.39
C LEU A 334 10.43 19.23 11.63
N THR A 335 11.47 19.95 11.22
CA THR A 335 11.46 21.41 11.37
C THR A 335 10.29 22.05 10.61
N ALA A 336 10.10 21.63 9.36
CA ALA A 336 9.04 22.19 8.52
C ALA A 336 7.63 21.93 9.09
N ILE A 337 7.35 20.68 9.50
CA ILE A 337 6.03 20.35 10.02
C ILE A 337 5.77 20.95 11.42
N CYS A 338 6.81 21.12 12.22
CA CYS A 338 6.65 21.76 13.54
C CYS A 338 6.37 23.27 13.39
N ASP A 339 7.16 23.94 12.54
CA ASP A 339 6.94 25.34 12.17
C ASP A 339 5.52 25.57 11.64
N ALA A 340 5.08 24.67 10.76
CA ALA A 340 3.77 24.79 10.12
C ALA A 340 2.64 24.58 11.12
N SER A 341 2.78 23.55 11.95
CA SER A 341 1.80 23.27 13.01
C SER A 341 1.69 24.45 13.96
N GLU A 342 2.83 25.04 14.31
CA GLU A 342 2.87 26.23 15.19
C GLU A 342 2.09 27.41 14.55
N ALA A 343 2.34 27.67 13.27
CA ALA A 343 1.67 28.75 12.54
C ALA A 343 0.16 28.56 12.52
N CYS A 344 -0.29 27.33 12.27
CA CYS A 344 -1.73 27.03 12.19
C CYS A 344 -2.43 27.16 13.53
N VAL A 345 -1.84 26.59 14.57
CA VAL A 345 -2.43 26.67 15.91
C VAL A 345 -2.47 28.12 16.40
N SER A 346 -1.38 28.85 16.17
CA SER A 346 -1.32 30.28 16.52
CA SER A 346 -1.32 30.28 16.50
C SER A 346 -2.46 31.06 15.85
N ALA A 347 -2.71 30.77 14.57
CA ALA A 347 -3.81 31.37 13.82
C ALA A 347 -5.18 30.99 14.41
N LEU A 348 -5.40 29.70 14.69
CA LEU A 348 -6.64 29.24 15.32
C LEU A 348 -6.96 29.94 16.66
N LEU A 349 -5.90 30.21 17.43
CA LEU A 349 -6.02 30.92 18.71
C LEU A 349 -6.25 32.43 18.57
N GLY A 350 -6.15 32.95 17.34
CA GLY A 350 -6.38 34.38 17.10
C GLY A 350 -5.17 35.25 17.40
N ASN A 351 -4.00 34.65 17.52
CA ASN A 351 -2.76 35.40 17.69
C ASN A 351 -2.44 36.15 16.41
N GLU A 352 -1.85 37.34 16.55
CA GLU A 352 -1.40 38.12 15.41
C GLU A 352 -0.30 37.35 14.68
N LEU A 353 -0.45 37.18 13.38
CA LEU A 353 0.48 36.35 12.62
C LEU A 353 1.71 37.15 12.19
N ASP A 354 2.84 36.46 12.10
CA ASP A 354 4.07 37.03 11.57
C ASP A 354 3.79 37.45 10.12
N PRO A 355 4.02 38.74 9.78
CA PRO A 355 3.73 39.17 8.41
C PRO A 355 4.49 38.36 7.38
N LEU A 356 3.86 38.11 6.23
CA LEU A 356 4.55 37.51 5.09
C LEU A 356 5.56 38.53 4.56
N PRO A 357 6.70 38.06 4.06
CA PRO A 357 7.69 39.00 3.52
C PRO A 357 7.13 39.82 2.36
N GLU A 358 7.55 41.08 2.26
CA GLU A 358 7.10 42.01 1.21
C GLU A 358 7.27 41.40 -0.18
N LYS A 359 8.39 40.69 -0.36
CA LYS A 359 8.71 39.95 -1.60
C LYS A 359 7.60 38.98 -2.00
N VAL A 360 7.09 38.21 -1.04
CA VAL A 360 5.99 37.28 -1.31
C VAL A 360 4.69 38.02 -1.69
N LEU A 361 4.36 39.07 -0.94
CA LEU A 361 3.16 39.86 -1.19
C LEU A 361 3.19 40.58 -2.56
N GLN A 362 4.39 40.93 -3.01
CA GLN A 362 4.61 41.58 -4.32
C GLN A 362 4.87 40.61 -5.48
N GLN A 363 4.94 39.32 -5.21
CA GLN A 363 5.30 38.35 -6.26
C GLN A 363 4.09 37.93 -7.08
N ARG A 364 4.20 38.09 -8.39
CA ARG A 364 3.24 37.52 -9.33
C ARG A 364 3.44 36.01 -9.41
N PRO A 365 2.33 35.22 -9.38
CA PRO A 365 2.44 33.76 -9.50
C PRO A 365 3.12 33.33 -10.80
N ASN A 366 3.93 32.28 -10.73
CA ASN A 366 4.62 31.81 -11.94
C ASN A 366 3.64 31.32 -13.02
N ALA A 367 4.13 31.28 -14.26
CA ALA A 367 3.32 31.01 -15.44
C ALA A 367 2.57 29.68 -15.42
N ASN A 368 3.21 28.62 -14.93
CA ASN A 368 2.58 27.31 -14.81
C ASN A 368 1.41 27.32 -13.82
N ALA A 369 1.57 28.08 -12.72
CA ALA A 369 0.51 28.25 -11.71
C ALA A 369 -0.70 28.99 -12.28
N VAL A 370 -0.43 30.09 -13.00
CA VAL A 370 -1.48 30.84 -13.67
C VAL A 370 -2.26 29.95 -14.63
N ARG A 371 -1.54 29.21 -15.47
CA ARG A 371 -2.17 28.28 -16.40
C ARG A 371 -3.02 27.25 -15.63
N SER A 372 -2.46 26.69 -14.56
CA SER A 372 -3.19 25.72 -13.72
C SER A 372 -4.48 26.29 -13.14
N MET A 373 -4.37 27.46 -12.52
CA MET A 373 -5.54 28.16 -11.96
C MET A 373 -6.60 28.46 -13.01
N GLU A 374 -6.16 28.92 -14.19
CA GLU A 374 -7.09 29.35 -15.24
C GLU A 374 -7.84 28.16 -15.87
N LYS A 375 -7.18 27.00 -15.96
CA LYS A 375 -7.83 25.77 -16.39
C LYS A 375 -8.94 25.35 -15.42
N VAL A 376 -8.64 25.39 -14.12
CA VAL A 376 -9.60 25.06 -13.08
C VAL A 376 -10.81 26.00 -13.08
N MET A 377 -10.56 27.31 -13.17
CA MET A 377 -11.64 28.31 -13.18
C MET A 377 -12.54 28.14 -14.39
N GLU A 378 -11.94 27.84 -15.54
CA GLU A 378 -12.66 27.62 -16.80
C GLU A 378 -13.63 26.45 -16.66
N ILE A 379 -13.12 25.32 -16.16
CA ILE A 379 -13.95 24.14 -15.89
C ILE A 379 -15.09 24.43 -14.91
N HIS A 380 -14.78 25.11 -13.81
CA HIS A 380 -15.77 25.34 -12.74
C HIS A 380 -16.65 26.57 -12.91
N SER A 381 -16.42 27.38 -13.94
CA SER A 381 -17.33 28.48 -14.28
C SER A 381 -18.71 27.95 -14.70
N LYS A 382 -18.77 26.68 -15.10
CA LYS A 382 -20.04 26.03 -15.40
C LYS A 382 -20.93 25.88 -14.16
N TYR A 383 -20.32 25.71 -12.99
CA TYR A 383 -21.04 25.34 -11.78
C TYR A 383 -21.10 26.42 -10.70
N TRP A 384 -20.29 27.47 -10.83
CA TRP A 384 -20.18 28.51 -9.80
C TRP A 384 -20.36 29.91 -10.36
N ARG A 385 -21.29 30.66 -9.78
CA ARG A 385 -21.59 32.03 -10.23
C ARG A 385 -20.40 32.98 -10.05
N CYS A 386 -19.58 32.74 -9.03
CA CYS A 386 -18.40 33.57 -8.78
C CYS A 386 -17.32 33.48 -9.88
N LEU A 387 -17.41 32.47 -10.74
CA LEU A 387 -16.47 32.29 -11.86
C LEU A 387 -17.10 32.61 -13.24
N GLN A 388 -18.36 33.06 -13.24
CA GLN A 388 -19.08 33.34 -14.48
C GLN A 388 -19.01 34.81 -14.88
N ARG A 389 -18.90 35.70 -13.90
CA ARG A 389 -19.03 37.14 -14.16
C ARG A 389 -17.81 37.80 -14.84
N THR A 390 -16.68 37.11 -14.86
CA THR A 390 -15.39 37.81 -14.80
C THR A 390 -14.37 37.49 -15.88
N THR A 391 -13.24 38.19 -15.76
CA THR A 391 -12.01 37.87 -16.48
C THR A 391 -10.96 37.49 -15.42
N SER A 392 -10.00 36.66 -15.80
CA SER A 392 -8.97 36.17 -14.86
C SER A 392 -7.97 37.25 -14.43
N THR A 393 -7.73 37.32 -13.12
CA THR A 393 -6.65 38.12 -12.55
C THR A 393 -5.67 37.23 -11.79
N ALA A 394 -5.60 35.96 -12.17
CA ALA A 394 -4.76 34.97 -11.50
C ALA A 394 -3.27 35.33 -11.53
N GLY A 395 -2.86 36.10 -12.55
CA GLY A 395 -1.47 36.53 -12.71
C GLY A 395 -1.03 37.73 -11.89
N ARG A 396 -1.96 38.35 -11.15
CA ARG A 396 -1.60 39.44 -10.25
C ARG A 396 -0.98 38.96 -8.93
N SER A 397 -0.06 39.74 -8.39
CA SER A 397 0.38 39.54 -7.01
C SER A 397 -0.75 39.88 -6.03
N LEU A 398 -0.59 39.51 -4.77
CA LEU A 398 -1.61 39.82 -3.75
C LEU A 398 -1.86 41.33 -3.63
N ILE A 399 -0.78 42.11 -3.57
CA ILE A 399 -0.90 43.57 -3.44
C ILE A 399 -1.56 44.18 -4.65
N GLU A 400 -1.23 43.69 -5.85
CA GLU A 400 -1.85 44.16 -7.08
C GLU A 400 -3.35 43.85 -7.09
N ALA A 401 -3.71 42.62 -6.71
CA ALA A 401 -5.12 42.22 -6.61
C ALA A 401 -5.87 43.13 -5.63
N GLN A 402 -5.24 43.42 -4.50
CA GLN A 402 -5.82 44.30 -3.47
CA GLN A 402 -5.86 44.29 -3.49
C GLN A 402 -5.98 45.73 -4.00
N THR A 403 -4.92 46.23 -4.61
CA THR A 403 -4.91 47.58 -5.21
C THR A 403 -5.99 47.72 -6.27
N CYS A 404 -6.16 46.68 -7.07
CA CYS A 404 -7.07 46.68 -8.20
C CYS A 404 -8.46 46.12 -7.87
N GLU A 405 -8.76 46.01 -6.57
CA GLU A 405 -10.09 45.59 -6.10
C GLU A 405 -10.71 46.68 -5.23
N ARG B 7 30.99 -24.83 -9.52
CA ARG B 7 30.44 -26.21 -9.65
C ARG B 7 28.96 -26.18 -10.07
N PHE B 8 28.52 -27.27 -10.70
CA PHE B 8 27.12 -27.45 -11.08
C PHE B 8 26.36 -27.98 -9.87
N THR B 9 26.03 -27.06 -8.95
CA THR B 9 25.26 -27.38 -7.74
C THR B 9 24.16 -26.34 -7.51
N THR B 10 23.59 -26.39 -6.31
CA THR B 10 22.63 -25.42 -5.86
C THR B 10 23.27 -24.03 -5.64
N GLY B 11 22.65 -23.01 -6.23
CA GLY B 11 23.02 -21.63 -6.01
C GLY B 11 22.19 -20.94 -4.94
N LEU B 12 22.81 -19.97 -4.27
CA LEU B 12 22.13 -19.07 -3.35
C LEU B 12 22.43 -17.64 -3.78
N VAL B 13 21.48 -16.75 -3.57
CA VAL B 13 21.75 -15.32 -3.70
C VAL B 13 21.25 -14.61 -2.44
N TYR B 14 22.08 -13.68 -1.96
CA TYR B 14 21.80 -12.90 -0.77
C TYR B 14 22.62 -11.61 -0.92
N ASP B 15 22.15 -10.51 -0.33
CA ASP B 15 22.90 -9.26 -0.38
C ASP B 15 22.53 -8.40 0.82
N THR B 16 23.54 -8.09 1.65
CA THR B 16 23.34 -7.26 2.85
C THR B 16 22.78 -5.85 2.58
N LEU B 17 22.89 -5.37 1.34
CA LEU B 17 22.25 -4.09 0.96
C LEU B 17 20.72 -4.14 0.95
N MET B 18 20.16 -5.35 1.01
CA MET B 18 18.71 -5.50 1.19
C MET B 18 18.28 -5.34 2.65
N LEU B 19 19.21 -5.37 3.59
CA LEU B 19 18.86 -5.32 5.02
C LEU B 19 18.24 -3.97 5.41
N LYS B 20 17.25 -4.00 6.31
CA LYS B 20 16.53 -2.79 6.74
C LYS B 20 17.43 -1.78 7.44
N HIS B 21 18.26 -2.27 8.36
CA HIS B 21 19.17 -1.41 9.12
C HIS B 21 20.45 -1.18 8.32
N GLY B 36 16.85 -9.57 11.32
CA GLY B 36 15.62 -9.70 10.52
C GLY B 36 15.47 -11.05 9.84
N ARG B 37 14.50 -11.15 8.94
CA ARG B 37 14.17 -12.41 8.26
C ARG B 37 15.30 -12.96 7.38
N ILE B 38 15.75 -12.19 6.39
CA ILE B 38 16.78 -12.69 5.47
C ILE B 38 18.12 -12.93 6.17
N GLN B 39 18.49 -12.03 7.09
CA GLN B 39 19.71 -12.22 7.89
C GLN B 39 19.62 -13.52 8.71
N SER B 40 18.48 -13.77 9.32
CA SER B 40 18.28 -15.00 10.09
C SER B 40 18.38 -16.27 9.24
N ILE B 41 17.73 -16.22 8.07
CA ILE B 41 17.77 -17.36 7.11
C ILE B 41 19.21 -17.60 6.66
N TRP B 42 19.93 -16.53 6.33
CA TRP B 42 21.34 -16.66 5.93
C TRP B 42 22.18 -17.29 7.04
N SER B 43 22.01 -16.82 8.28
CA SER B 43 22.72 -17.41 9.43
C SER B 43 22.43 -18.90 9.60
N ARG B 44 21.16 -19.29 9.46
CA ARG B 44 20.78 -20.71 9.51
C ARG B 44 21.51 -21.54 8.45
N LEU B 45 21.55 -21.04 7.21
CA LEU B 45 22.17 -21.79 6.12
C LEU B 45 23.68 -21.94 6.34
N GLN B 46 24.31 -20.92 6.91
CA GLN B 46 25.73 -21.02 7.25
C GLN B 46 25.95 -22.04 8.36
N GLU B 47 25.22 -21.91 9.47
CA GLU B 47 25.47 -22.74 10.64
C GLU B 47 25.14 -24.23 10.44
N THR B 48 24.20 -24.52 9.55
CA THR B 48 23.83 -25.90 9.23
C THR B 48 24.78 -26.51 8.20
N GLY B 49 25.70 -25.71 7.68
CA GLY B 49 26.66 -26.18 6.67
C GLY B 49 26.14 -26.16 5.23
N LEU B 50 24.89 -25.74 5.02
CA LEU B 50 24.29 -25.75 3.69
C LEU B 50 24.91 -24.71 2.76
N ARG B 51 25.19 -23.50 3.27
CA ARG B 51 25.79 -22.47 2.41
CA ARG B 51 25.80 -22.46 2.42
C ARG B 51 27.13 -22.95 1.87
N GLY B 52 27.89 -23.67 2.70
CA GLY B 52 29.19 -24.21 2.31
C GLY B 52 29.12 -25.22 1.16
N LYS B 53 27.97 -25.87 1.01
CA LYS B 53 27.76 -26.82 -0.07
C LYS B 53 27.21 -26.15 -1.34
N CYS B 54 26.78 -24.88 -1.22
CA CYS B 54 26.20 -24.13 -2.33
C CYS B 54 27.19 -23.14 -2.94
N GLU B 55 26.84 -22.64 -4.12
CA GLU B 55 27.54 -21.52 -4.74
C GLU B 55 26.75 -20.22 -4.53
N ALA B 56 27.25 -19.35 -3.66
CA ALA B 56 26.64 -18.03 -3.45
C ALA B 56 27.05 -17.12 -4.59
N ILE B 57 26.08 -16.55 -5.31
CA ILE B 57 26.36 -15.72 -6.47
C ILE B 57 26.21 -14.22 -6.17
N ARG B 58 26.81 -13.40 -7.03
CA ARG B 58 26.77 -11.95 -6.85
C ARG B 58 25.48 -11.38 -7.45
N GLY B 59 24.72 -10.66 -6.64
CA GLY B 59 23.51 -9.99 -7.10
C GLY B 59 23.80 -8.62 -7.66
N ARG B 60 22.74 -7.97 -8.13
CA ARG B 60 22.81 -6.62 -8.71
C ARG B 60 21.43 -6.00 -8.74
N LYS B 61 21.37 -4.68 -8.94
CA LYS B 61 20.11 -4.00 -9.21
C LYS B 61 19.55 -4.46 -10.54
N ALA B 62 18.23 -4.66 -10.59
CA ALA B 62 17.53 -4.77 -11.85
C ALA B 62 17.64 -3.43 -12.58
N THR B 63 17.65 -3.47 -13.90
CA THR B 63 17.62 -2.23 -14.67
C THR B 63 16.17 -1.75 -14.77
N LEU B 64 16.01 -0.48 -15.10
CA LEU B 64 14.67 0.08 -15.29
C LEU B 64 13.93 -0.67 -16.39
N GLU B 65 14.65 -0.97 -17.48
CA GLU B 65 14.10 -1.71 -18.61
C GLU B 65 13.60 -3.10 -18.18
N GLU B 66 14.37 -3.79 -17.35
CA GLU B 66 13.93 -5.10 -16.85
C GLU B 66 12.67 -5.00 -16.00
N LEU B 67 12.61 -4.00 -15.12
CA LEU B 67 11.42 -3.79 -14.30
C LEU B 67 10.19 -3.52 -15.17
N GLN B 68 10.40 -2.83 -16.30
CA GLN B 68 9.31 -2.48 -17.21
C GLN B 68 8.78 -3.63 -18.06
N THR B 69 9.36 -4.82 -17.96
CA THR B 69 8.75 -6.02 -18.54
C THR B 69 7.41 -6.37 -17.87
N VAL B 70 7.26 -5.98 -16.60
CA VAL B 70 6.03 -6.22 -15.84
C VAL B 70 5.32 -4.91 -15.46
N HIS B 71 6.09 -3.90 -15.07
CA HIS B 71 5.54 -2.67 -14.49
C HIS B 71 5.59 -1.49 -15.44
N SER B 72 4.71 -0.52 -15.22
CA SER B 72 4.64 0.67 -16.05
C SER B 72 5.87 1.54 -15.87
N GLU B 73 6.11 2.40 -16.84
CA GLU B 73 7.27 3.29 -16.81
CA GLU B 73 7.26 3.28 -16.82
C GLU B 73 7.20 4.23 -15.61
N ALA B 74 6.00 4.77 -15.35
CA ALA B 74 5.78 5.71 -14.23
C ALA B 74 6.07 5.07 -12.89
N HIS B 75 5.52 3.88 -12.70
CA HIS B 75 5.75 3.09 -11.48
C HIS B 75 7.24 2.87 -11.25
N THR B 76 7.92 2.42 -12.30
CA THR B 76 9.34 2.08 -12.22
CA THR B 76 9.34 2.07 -12.18
C THR B 76 10.20 3.31 -11.93
N LEU B 77 9.84 4.45 -12.56
CA LEU B 77 10.60 5.68 -12.31
C LEU B 77 10.41 6.17 -10.87
N LEU B 78 9.17 6.13 -10.40
CA LEU B 78 8.84 6.61 -9.05
C LEU B 78 9.55 5.79 -7.97
N TYR B 79 9.34 4.48 -7.99
CA TYR B 79 9.89 3.61 -6.93
C TYR B 79 11.29 3.08 -7.22
N GLY B 80 11.72 3.14 -8.49
CA GLY B 80 13.01 2.58 -8.90
C GLY B 80 14.19 3.54 -8.91
N THR B 81 13.95 4.83 -8.75
CA THR B 81 15.05 5.82 -8.76
C THR B 81 15.22 6.47 -7.38
N ASN B 82 16.46 6.62 -6.93
CA ASN B 82 16.73 7.20 -5.62
C ASN B 82 16.55 8.73 -5.66
N PRO B 83 15.84 9.30 -4.67
CA PRO B 83 15.65 10.76 -4.68
C PRO B 83 16.92 11.56 -4.46
N LEU B 84 17.90 10.94 -3.80
CA LEU B 84 19.15 11.61 -3.39
C LEU B 84 20.32 11.19 -4.28
N ASP B 113 15.76 7.27 10.65
CA ASP B 113 15.33 6.11 11.42
C ASP B 113 14.57 5.13 10.54
N SER B 114 14.43 3.91 11.04
CA SER B 114 13.47 2.93 10.52
C SER B 114 12.02 3.43 10.66
N ASP B 115 11.80 4.36 11.59
CA ASP B 115 10.46 4.93 11.82
C ASP B 115 10.13 6.17 10.96
N THR B 116 11.00 6.54 10.03
CA THR B 116 10.70 7.62 9.08
C THR B 116 10.33 7.10 7.68
N ILE B 117 9.83 8.01 6.84
CA ILE B 117 9.45 7.71 5.46
C ILE B 117 10.63 7.20 4.62
N TRP B 118 11.84 7.49 5.05
CA TRP B 118 13.06 7.04 4.37
C TRP B 118 13.31 5.53 4.51
N ASN B 119 12.63 4.89 5.45
CA ASN B 119 12.54 3.43 5.52
C ASN B 119 11.83 2.83 4.31
N GLU B 120 10.75 3.47 3.86
CA GLU B 120 10.01 2.98 2.70
C GLU B 120 10.75 3.25 1.39
N VAL B 121 11.46 4.38 1.33
CA VAL B 121 12.36 4.68 0.23
C VAL B 121 13.48 3.63 0.14
N HIS B 122 14.07 3.28 1.27
CA HIS B 122 15.06 2.20 1.30
C HIS B 122 14.46 0.83 0.87
N SER B 123 13.26 0.50 1.36
CA SER B 123 12.58 -0.75 0.99
C SER B 123 12.36 -0.86 -0.51
N ALA B 124 11.99 0.24 -1.15
CA ALA B 124 11.75 0.25 -2.60
C ALA B 124 13.07 0.04 -3.35
N GLY B 125 14.14 0.65 -2.86
CA GLY B 125 15.50 0.41 -3.39
C GLY B 125 15.90 -1.06 -3.23
N ALA B 126 15.66 -1.60 -2.03
CA ALA B 126 15.93 -3.01 -1.75
C ALA B 126 15.15 -3.94 -2.69
N ALA B 127 13.93 -3.54 -3.06
CA ALA B 127 13.10 -4.28 -4.00
C ALA B 127 13.75 -4.32 -5.38
N ARG B 128 14.35 -3.20 -5.78
CA ARG B 128 15.08 -3.14 -7.05
C ARG B 128 16.28 -4.10 -7.04
N LEU B 129 17.00 -4.16 -5.92
CA LEU B 129 18.09 -5.13 -5.73
C LEU B 129 17.58 -6.59 -5.69
N ALA B 130 16.44 -6.83 -5.03
CA ALA B 130 15.87 -8.18 -4.94
C ALA B 130 15.52 -8.74 -6.32
N VAL B 131 14.95 -7.90 -7.19
CA VAL B 131 14.60 -8.33 -8.54
C VAL B 131 15.88 -8.77 -9.30
N GLY B 132 16.92 -7.94 -9.21
CA GLY B 132 18.18 -8.25 -9.89
C GLY B 132 18.86 -9.51 -9.37
N CYS B 133 18.78 -9.72 -8.06
CA CYS B 133 19.27 -10.93 -7.43
C CYS B 133 18.54 -12.18 -7.96
N VAL B 134 17.22 -12.10 -8.05
CA VAL B 134 16.42 -13.24 -8.53
C VAL B 134 16.68 -13.50 -10.01
N VAL B 135 16.76 -12.43 -10.80
CA VAL B 135 17.07 -12.55 -12.23
C VAL B 135 18.42 -13.22 -12.45
N GLU B 136 19.45 -12.80 -11.71
CA GLU B 136 20.77 -13.41 -11.84
C GLU B 136 20.77 -14.92 -11.53
N LEU B 137 20.06 -15.31 -10.47
CA LEU B 137 20.02 -16.72 -10.05
C LEU B 137 19.28 -17.56 -11.07
N VAL B 138 18.15 -17.02 -11.53
CA VAL B 138 17.27 -17.72 -12.46
C VAL B 138 17.97 -17.96 -13.80
N PHE B 139 18.69 -16.95 -14.29
CA PHE B 139 19.48 -17.10 -15.51
C PHE B 139 20.64 -18.08 -15.39
N LYS B 140 21.32 -18.10 -14.24
CA LYS B 140 22.40 -19.08 -14.04
C LYS B 140 21.90 -20.52 -14.00
N VAL B 141 20.70 -20.74 -13.46
CA VAL B 141 20.06 -22.07 -13.49
C VAL B 141 19.54 -22.40 -14.89
N ALA B 142 18.79 -21.48 -15.50
CA ALA B 142 18.20 -21.70 -16.83
C ALA B 142 19.24 -21.96 -17.95
N THR B 143 20.46 -21.46 -17.78
CA THR B 143 21.53 -21.66 -18.74
C THR B 143 22.46 -22.82 -18.40
N GLY B 144 22.25 -23.44 -17.24
CA GLY B 144 23.02 -24.61 -16.85
C GLY B 144 24.30 -24.32 -16.10
N GLU B 145 24.62 -23.05 -15.86
CA GLU B 145 25.77 -22.73 -15.01
C GLU B 145 25.62 -23.38 -13.62
N LEU B 146 24.40 -23.32 -13.08
CA LEU B 146 24.05 -23.95 -11.80
C LEU B 146 22.88 -24.90 -12.01
N LYS B 147 22.70 -25.84 -11.08
CA LYS B 147 21.63 -26.85 -11.18
C LYS B 147 20.28 -26.32 -10.69
N ASN B 148 20.32 -25.77 -9.47
CA ASN B 148 19.17 -25.41 -8.62
C ASN B 148 19.44 -24.05 -8.02
N GLY B 149 18.42 -23.43 -7.43
CA GLY B 149 18.65 -22.22 -6.65
C GLY B 149 17.61 -21.80 -5.63
N PHE B 150 18.06 -21.08 -4.60
CA PHE B 150 17.18 -20.45 -3.61
C PHE B 150 17.64 -18.99 -3.43
N ALA B 151 16.72 -18.05 -3.58
CA ALA B 151 17.03 -16.62 -3.45
C ALA B 151 16.52 -16.10 -2.11
N VAL B 152 17.46 -15.64 -1.28
CA VAL B 152 17.16 -15.16 0.07
C VAL B 152 17.02 -13.64 -0.04
N VAL B 153 15.83 -13.19 -0.42
CA VAL B 153 15.60 -11.80 -0.81
C VAL B 153 14.39 -11.21 -0.11
N ARG B 154 14.42 -9.88 0.02
CA ARG B 154 13.30 -9.07 0.51
C ARG B 154 13.38 -7.66 -0.11
N PRO B 155 12.25 -6.93 -0.18
CA PRO B 155 10.90 -7.36 0.20
C PRO B 155 10.37 -8.43 -0.75
N PRO B 156 9.21 -9.01 -0.41
CA PRO B 156 8.52 -9.92 -1.34
C PRO B 156 8.02 -9.16 -2.58
N GLY B 157 7.56 -9.89 -3.58
CA GLY B 157 7.16 -9.31 -4.85
C GLY B 157 5.79 -9.64 -5.41
N HIS B 158 5.21 -10.77 -4.98
CA HIS B 158 4.05 -11.36 -5.69
C HIS B 158 2.72 -10.59 -5.65
N HIS B 159 2.61 -9.59 -4.78
CA HIS B 159 1.42 -8.71 -4.77
C HIS B 159 1.55 -7.45 -5.62
N ALA B 160 2.77 -7.06 -6.00
CA ALA B 160 2.97 -5.86 -6.81
C ALA B 160 2.35 -6.01 -8.20
N GLU B 161 1.42 -5.12 -8.54
CA GLU B 161 0.74 -5.13 -9.82
C GLU B 161 1.41 -4.14 -10.80
N GLU B 162 0.92 -4.10 -12.03
CA GLU B 162 1.60 -3.34 -13.10
C GLU B 162 1.96 -1.91 -12.69
N SER B 163 1.00 -1.20 -12.11
CA SER B 163 1.20 0.18 -11.68
CA SER B 163 1.21 0.18 -11.67
C SER B 163 0.81 0.42 -10.22
N THR B 164 0.76 -0.65 -9.42
CA THR B 164 0.28 -0.55 -8.02
C THR B 164 1.12 -1.39 -7.06
N PRO B 165 1.89 -0.73 -6.16
CA PRO B 165 2.57 -1.47 -5.11
C PRO B 165 1.55 -1.81 -4.03
N MET B 166 1.73 -2.92 -3.33
CA MET B 166 0.79 -3.34 -2.28
C MET B 166 1.34 -4.53 -1.53
N GLY B 167 0.81 -4.76 -0.33
CA GLY B 167 1.21 -5.89 0.50
C GLY B 167 2.72 -6.01 0.67
N PHE B 168 3.37 -4.90 0.95
CA PHE B 168 4.82 -4.85 1.16
C PHE B 168 5.64 -5.04 -0.12
N CYS B 169 4.98 -5.19 -1.28
CA CYS B 169 5.68 -5.47 -2.54
C CYS B 169 5.74 -4.22 -3.43
N TYR B 170 6.90 -3.98 -4.02
CA TYR B 170 7.09 -2.87 -4.98
C TYR B 170 7.29 -3.34 -6.41
N PHE B 171 8.11 -4.38 -6.58
CA PHE B 171 8.33 -5.01 -7.88
C PHE B 171 8.18 -6.52 -7.76
N ASN B 172 7.57 -7.14 -8.78
CA ASN B 172 7.35 -8.59 -8.79
C ASN B 172 8.56 -9.33 -9.37
N SER B 173 9.51 -9.61 -8.50
CA SER B 173 10.79 -10.25 -8.85
C SER B 173 10.64 -11.53 -9.69
N VAL B 174 9.79 -12.45 -9.24
CA VAL B 174 9.55 -13.70 -9.98
C VAL B 174 8.95 -13.48 -11.37
N ALA B 175 7.93 -12.63 -11.46
CA ALA B 175 7.31 -12.29 -12.74
C ALA B 175 8.32 -11.69 -13.73
N VAL B 176 9.16 -10.77 -13.25
CA VAL B 176 10.15 -10.12 -14.10
C VAL B 176 11.16 -11.15 -14.63
N ALA B 177 11.61 -12.02 -13.73
CA ALA B 177 12.51 -13.12 -14.12
C ALA B 177 11.91 -13.97 -15.24
N ALA B 178 10.64 -14.34 -15.08
CA ALA B 178 9.90 -15.10 -16.09
C ALA B 178 9.79 -14.37 -17.45
N LYS B 179 9.43 -13.09 -17.40
CA LYS B 179 9.39 -12.25 -18.60
C LYS B 179 10.72 -12.24 -19.33
N LEU B 180 11.81 -12.11 -18.57
CA LEU B 180 13.15 -12.03 -19.15
C LEU B 180 13.61 -13.37 -19.74
N LEU B 181 13.23 -14.47 -19.09
CA LEU B 181 13.48 -15.81 -19.65
C LEU B 181 12.86 -15.94 -21.04
N GLN B 182 11.64 -15.42 -21.20
CA GLN B 182 10.93 -15.45 -22.48
C GLN B 182 11.61 -14.57 -23.52
N GLN B 183 11.91 -13.34 -23.12
CA GLN B 183 12.41 -12.32 -24.05
C GLN B 183 13.88 -12.54 -24.45
N ARG B 184 14.70 -13.02 -23.52
CA ARG B 184 16.13 -13.17 -23.75
C ARG B 184 16.55 -14.60 -24.12
N LEU B 185 15.91 -15.60 -23.53
CA LEU B 185 16.27 -16.99 -23.80
C LEU B 185 15.23 -17.77 -24.61
N SER B 186 14.11 -17.13 -24.97
CA SER B 186 13.00 -17.79 -25.69
C SER B 186 12.51 -19.07 -25.02
N VAL B 187 12.45 -19.07 -23.68
CA VAL B 187 12.01 -20.26 -22.94
C VAL B 187 10.53 -20.54 -23.24
N SER B 188 10.26 -21.73 -23.75
CA SER B 188 8.95 -22.06 -24.31
C SER B 188 7.85 -22.21 -23.27
N LYS B 189 8.16 -22.92 -22.19
CA LYS B 189 7.18 -23.22 -21.14
CA LYS B 189 7.17 -23.17 -21.14
C LYS B 189 7.77 -22.93 -19.75
N ILE B 190 7.10 -22.05 -18.99
CA ILE B 190 7.51 -21.76 -17.61
C ILE B 190 6.37 -22.08 -16.64
N LEU B 191 6.68 -22.86 -15.61
CA LEU B 191 5.77 -23.06 -14.47
C LEU B 191 6.15 -22.14 -13.33
N ILE B 192 5.18 -21.39 -12.82
CA ILE B 192 5.32 -20.63 -11.58
C ILE B 192 4.38 -21.19 -10.53
N VAL B 193 4.94 -21.75 -9.46
CA VAL B 193 4.17 -22.22 -8.31
C VAL B 193 4.31 -21.19 -7.18
N ASP B 194 3.19 -20.81 -6.57
CA ASP B 194 3.21 -19.80 -5.52
C ASP B 194 2.54 -20.40 -4.29
N TRP B 195 3.35 -20.79 -3.31
CA TRP B 195 2.84 -21.45 -2.10
C TRP B 195 2.90 -20.61 -0.82
N ASP B 196 3.19 -19.32 -0.97
CA ASP B 196 2.83 -18.34 0.07
C ASP B 196 1.34 -18.53 0.41
N VAL B 197 0.97 -18.34 1.67
CA VAL B 197 -0.42 -18.55 2.09
C VAL B 197 -1.38 -17.52 1.43
N HIS B 198 -0.87 -16.39 0.99
CA HIS B 198 -1.69 -15.39 0.28
C HIS B 198 -1.58 -15.51 -1.25
N HIS B 199 -2.69 -15.24 -1.94
CA HIS B 199 -2.74 -15.23 -3.42
C HIS B 199 -1.75 -14.25 -4.04
N GLY B 200 -1.03 -14.70 -5.07
CA GLY B 200 -0.07 -13.85 -5.79
C GLY B 200 -0.78 -13.12 -6.91
N ASN B 201 -1.53 -12.10 -6.54
CA ASN B 201 -2.34 -11.35 -7.50
C ASN B 201 -1.52 -10.69 -8.61
N GLY B 202 -0.32 -10.21 -8.28
CA GLY B 202 0.56 -9.60 -9.28
C GLY B 202 0.95 -10.57 -10.37
N THR B 203 1.30 -11.79 -9.98
CA THR B 203 1.80 -12.78 -10.91
C THR B 203 0.68 -13.30 -11.81
N GLN B 204 -0.49 -13.54 -11.23
CA GLN B 204 -1.71 -13.86 -11.99
C GLN B 204 -1.98 -12.83 -13.09
N GLN B 205 -1.98 -11.55 -12.74
CA GLN B 205 -2.14 -10.43 -13.69
C GLN B 205 -1.11 -10.46 -14.83
N ALA B 206 0.17 -10.63 -14.46
CA ALA B 206 1.30 -10.55 -15.39
C ALA B 206 1.23 -11.56 -16.54
N PHE B 207 0.63 -12.72 -16.29
CA PHE B 207 0.60 -13.77 -17.29
C PHE B 207 -0.82 -14.28 -17.61
N TYR B 208 -1.83 -13.46 -17.34
CA TYR B 208 -3.22 -13.95 -17.33
C TYR B 208 -3.73 -14.41 -18.71
N SER B 209 -3.20 -13.80 -19.77
CA SER B 209 -3.55 -14.16 -21.15
C SER B 209 -2.45 -14.97 -21.86
N ASP B 210 -1.42 -15.39 -21.13
CA ASP B 210 -0.27 -16.08 -21.70
C ASP B 210 -0.30 -17.61 -21.43
N PRO B 211 -0.52 -18.43 -22.48
CA PRO B 211 -0.53 -19.88 -22.30
C PRO B 211 0.86 -20.50 -22.16
N SER B 212 1.93 -19.73 -22.35
CA SER B 212 3.28 -20.26 -22.22
C SER B 212 3.82 -20.19 -20.78
N VAL B 213 3.05 -19.59 -19.87
CA VAL B 213 3.41 -19.57 -18.44
C VAL B 213 2.23 -20.10 -17.65
N LEU B 214 2.41 -21.25 -16.99
CA LEU B 214 1.38 -21.82 -16.14
C LEU B 214 1.60 -21.30 -14.72
N TYR B 215 0.63 -20.56 -14.20
CA TYR B 215 0.68 -20.03 -12.84
C TYR B 215 -0.26 -20.85 -11.96
N MET B 216 0.31 -21.41 -10.88
CA MET B 216 -0.40 -22.25 -9.93
C MET B 216 -0.19 -21.67 -8.53
N SER B 217 -1.27 -21.22 -7.91
CA SER B 217 -1.22 -20.66 -6.57
C SER B 217 -1.98 -21.54 -5.59
N LEU B 218 -1.33 -21.92 -4.49
CA LEU B 218 -2.02 -22.47 -3.32
C LEU B 218 -2.19 -21.37 -2.31
N HIS B 219 -3.42 -21.11 -1.86
CA HIS B 219 -3.64 -20.03 -0.89
C HIS B 219 -4.91 -20.20 -0.08
N ARG B 220 -4.92 -19.57 1.09
CA ARG B 220 -6.14 -19.41 1.85
C ARG B 220 -7.02 -18.41 1.09
N TYR B 221 -8.25 -18.82 0.79
CA TYR B 221 -9.17 -17.98 0.03
C TYR B 221 -10.44 -17.63 0.81
N ASP B 222 -11.06 -18.64 1.42
CA ASP B 222 -12.27 -18.45 2.24
C ASP B 222 -13.34 -17.59 1.55
N ASP B 223 -13.67 -17.93 0.29
CA ASP B 223 -14.66 -17.16 -0.48
C ASP B 223 -14.49 -15.62 -0.41
N GLY B 224 -13.25 -15.17 -0.63
CA GLY B 224 -12.96 -13.75 -0.83
C GLY B 224 -12.67 -12.99 0.45
N ASN B 225 -12.62 -13.71 1.56
CA ASN B 225 -12.53 -13.10 2.89
C ASN B 225 -11.12 -13.13 3.49
N PHE B 226 -10.09 -13.01 2.64
CA PHE B 226 -8.70 -13.12 3.10
C PHE B 226 -7.77 -12.35 2.16
N PHE B 227 -6.79 -11.64 2.71
CA PHE B 227 -5.91 -10.77 1.91
C PHE B 227 -5.25 -11.58 0.79
N PRO B 228 -5.15 -11.01 -0.43
CA PRO B 228 -5.67 -9.70 -0.88
C PRO B 228 -7.11 -9.73 -1.43
N GLY B 229 -7.82 -10.85 -1.29
CA GLY B 229 -9.22 -10.93 -1.72
C GLY B 229 -9.43 -11.53 -3.11
N SER B 230 -8.33 -11.78 -3.82
CA SER B 230 -8.36 -12.32 -5.17
C SER B 230 -8.05 -13.83 -5.21
N GLY B 231 -8.14 -14.42 -6.40
CA GLY B 231 -7.69 -15.79 -6.62
C GLY B 231 -8.75 -16.84 -6.38
N ALA B 232 -9.97 -16.57 -6.86
CA ALA B 232 -11.04 -17.56 -6.86
C ALA B 232 -10.71 -18.71 -7.82
N PRO B 233 -11.13 -19.94 -7.48
CA PRO B 233 -10.88 -21.09 -8.36
C PRO B 233 -11.39 -20.93 -9.79
N ASP B 234 -12.42 -20.11 -9.96
CA ASP B 234 -13.07 -19.80 -11.24
CA ASP B 234 -13.01 -19.90 -11.30
C ASP B 234 -12.20 -18.92 -12.16
N GLU B 235 -11.14 -18.33 -11.61
CA GLU B 235 -10.24 -17.47 -12.39
C GLU B 235 -9.19 -18.33 -13.10
N VAL B 236 -9.46 -18.64 -14.38
CA VAL B 236 -8.68 -19.63 -15.12
C VAL B 236 -7.87 -19.03 -16.26
N GLY B 237 -7.86 -17.71 -16.37
CA GLY B 237 -7.14 -17.01 -17.43
C GLY B 237 -8.08 -16.39 -18.44
N THR B 238 -7.51 -15.71 -19.43
CA THR B 238 -8.30 -15.04 -20.46
C THR B 238 -7.64 -15.24 -21.83
N GLY B 239 -8.46 -15.16 -22.89
CA GLY B 239 -7.97 -15.32 -24.26
C GLY B 239 -7.28 -16.66 -24.48
N PRO B 240 -6.11 -16.64 -25.14
CA PRO B 240 -5.31 -17.85 -25.31
C PRO B 240 -4.83 -18.47 -23.98
N GLY B 241 -4.74 -17.67 -22.92
CA GLY B 241 -4.32 -18.16 -21.61
C GLY B 241 -5.38 -18.87 -20.76
N VAL B 242 -6.59 -19.03 -21.30
CA VAL B 242 -7.63 -19.80 -20.61
C VAL B 242 -7.16 -21.22 -20.30
N GLY B 243 -7.26 -21.61 -19.02
CA GLY B 243 -6.78 -22.92 -18.56
C GLY B 243 -5.39 -22.91 -17.95
N PHE B 244 -4.61 -21.85 -18.15
CA PHE B 244 -3.23 -21.82 -17.67
C PHE B 244 -3.02 -20.97 -16.41
N ASN B 245 -4.11 -20.71 -15.70
CA ASN B 245 -4.10 -20.06 -14.39
C ASN B 245 -4.89 -20.95 -13.43
N VAL B 246 -4.22 -21.51 -12.42
CA VAL B 246 -4.82 -22.49 -11.51
C VAL B 246 -4.75 -21.98 -10.07
N ASN B 247 -5.91 -21.60 -9.54
CA ASN B 247 -6.04 -21.15 -8.15
C ASN B 247 -6.51 -22.30 -7.26
N MET B 248 -5.55 -23.00 -6.65
CA MET B 248 -5.84 -24.01 -5.63
C MET B 248 -6.22 -23.27 -4.35
N ALA B 249 -7.45 -22.78 -4.34
CA ALA B 249 -7.97 -21.90 -3.30
C ALA B 249 -8.63 -22.71 -2.19
N PHE B 250 -8.12 -22.59 -0.97
CA PHE B 250 -8.69 -23.27 0.18
C PHE B 250 -9.79 -22.40 0.81
N THR B 251 -10.95 -23.01 1.04
CA THR B 251 -12.11 -22.33 1.62
C THR B 251 -12.59 -23.14 2.83
N GLY B 252 -13.31 -22.48 3.73
CA GLY B 252 -13.84 -23.12 4.94
C GLY B 252 -13.23 -22.60 6.22
N GLY B 253 -12.30 -21.64 6.12
CA GLY B 253 -11.67 -21.04 7.29
C GLY B 253 -10.76 -21.99 8.05
N LEU B 254 -10.79 -21.89 9.38
CA LEU B 254 -9.87 -22.65 10.23
C LEU B 254 -10.61 -23.72 11.05
N ASP B 255 -11.46 -24.50 10.39
CA ASP B 255 -12.31 -25.50 11.03
C ASP B 255 -12.15 -26.85 10.33
N PRO B 256 -10.99 -27.51 10.50
CA PRO B 256 -9.78 -27.09 11.20
C PRO B 256 -8.80 -26.37 10.25
N PRO B 257 -7.70 -25.80 10.79
CA PRO B 257 -6.67 -25.22 9.92
C PRO B 257 -6.12 -26.23 8.91
N MET B 258 -5.68 -25.76 7.75
CA MET B 258 -5.03 -26.63 6.77
C MET B 258 -3.63 -26.97 7.28
N GLY B 259 -3.22 -28.22 7.05
CA GLY B 259 -1.91 -28.70 7.48
C GLY B 259 -1.21 -29.51 6.38
N ASP B 260 -0.25 -30.34 6.80
CA ASP B 260 0.55 -31.13 5.85
C ASP B 260 -0.31 -32.03 4.96
N ALA B 261 -1.23 -32.80 5.56
CA ALA B 261 -2.06 -33.76 4.78
C ALA B 261 -2.82 -33.07 3.65
N GLU B 262 -3.31 -31.87 3.93
CA GLU B 262 -4.12 -31.11 2.98
C GLU B 262 -3.29 -30.61 1.80
N TYR B 263 -2.11 -30.05 2.07
CA TYR B 263 -1.21 -29.56 1.01
C TYR B 263 -0.60 -30.70 0.19
N LEU B 264 -0.24 -31.80 0.84
CA LEU B 264 0.27 -33.00 0.14
C LEU B 264 -0.79 -33.58 -0.78
N ALA B 265 -2.04 -33.58 -0.31
CA ALA B 265 -3.17 -34.04 -1.13
C ALA B 265 -3.44 -33.11 -2.32
N ALA B 266 -3.29 -31.80 -2.11
CA ALA B 266 -3.47 -30.83 -3.20
C ALA B 266 -2.37 -30.99 -4.26
N PHE B 267 -1.14 -31.29 -3.82
CA PHE B 267 -0.06 -31.61 -4.77
C PHE B 267 -0.37 -32.88 -5.57
N ARG B 268 -0.89 -33.90 -4.90
CA ARG B 268 -1.20 -35.19 -5.52
C ARG B 268 -2.34 -35.10 -6.54
N THR B 269 -3.37 -34.32 -6.23
CA THR B 269 -4.59 -34.26 -7.04
C THR B 269 -4.62 -33.13 -8.08
N VAL B 270 -4.03 -31.98 -7.75
CA VAL B 270 -4.12 -30.79 -8.61
C VAL B 270 -2.77 -30.37 -9.19
N VAL B 271 -1.79 -30.07 -8.34
CA VAL B 271 -0.56 -29.40 -8.80
C VAL B 271 0.28 -30.30 -9.69
N MET B 272 0.61 -31.50 -9.21
CA MET B 272 1.55 -32.35 -9.94
C MET B 272 0.98 -32.95 -11.24
N PRO B 273 -0.29 -33.40 -11.23
CA PRO B 273 -0.91 -33.84 -12.51
C PRO B 273 -0.92 -32.75 -13.59
N ILE B 274 -1.43 -31.57 -13.27
CA ILE B 274 -1.47 -30.44 -14.20
C ILE B 274 -0.06 -30.02 -14.61
N ALA B 275 0.84 -29.82 -13.65
CA ALA B 275 2.22 -29.42 -13.93
C ALA B 275 2.96 -30.43 -14.85
N SER B 276 2.77 -31.71 -14.58
CA SER B 276 3.40 -32.77 -15.37
C SER B 276 2.88 -32.80 -16.80
N GLU B 277 1.58 -32.61 -16.97
CA GLU B 277 0.97 -32.53 -18.29
C GLU B 277 1.49 -31.32 -19.08
N PHE B 278 1.58 -30.16 -18.41
CA PHE B 278 2.17 -28.96 -19.00
C PHE B 278 3.61 -29.18 -19.47
N ALA B 279 4.40 -29.90 -18.67
CA ALA B 279 5.81 -30.23 -18.98
C ALA B 279 6.71 -28.99 -19.14
N PRO B 280 6.91 -28.23 -18.04
CA PRO B 280 7.67 -26.98 -18.13
C PRO B 280 9.17 -27.17 -18.39
N ASP B 281 9.78 -26.15 -18.98
CA ASP B 281 11.23 -26.10 -19.21
C ASP B 281 11.99 -25.56 -18.00
N VAL B 282 11.34 -24.66 -17.25
CA VAL B 282 11.89 -24.06 -16.02
C VAL B 282 10.75 -23.95 -15.00
N VAL B 283 11.05 -24.22 -13.74
CA VAL B 283 10.10 -24.00 -12.64
C VAL B 283 10.60 -22.86 -11.75
N LEU B 284 9.75 -21.87 -11.54
CA LEU B 284 10.03 -20.80 -10.57
C LEU B 284 9.04 -20.92 -9.41
N VAL B 285 9.51 -20.74 -8.18
CA VAL B 285 8.64 -20.79 -7.01
C VAL B 285 8.66 -19.47 -6.19
N SER B 286 7.49 -18.86 -6.06
CA SER B 286 7.25 -17.81 -5.08
C SER B 286 7.07 -18.52 -3.73
N SER B 287 8.17 -18.61 -2.99
CA SER B 287 8.29 -19.44 -1.80
C SER B 287 8.11 -18.63 -0.52
N GLY B 288 6.86 -18.32 -0.19
CA GLY B 288 6.51 -17.77 1.12
C GLY B 288 6.36 -18.91 2.10
N PHE B 289 6.64 -18.66 3.38
CA PHE B 289 6.52 -19.69 4.43
C PHE B 289 5.53 -19.33 5.53
N ASP B 290 4.60 -18.42 5.22
CA ASP B 290 3.55 -18.01 6.17
C ASP B 290 2.43 -19.05 6.39
N ALA B 291 2.41 -20.13 5.60
CA ALA B 291 1.53 -21.27 5.90
C ALA B 291 2.07 -22.19 7.01
N VAL B 292 3.33 -22.02 7.40
CA VAL B 292 3.95 -22.84 8.45
C VAL B 292 3.37 -22.52 9.83
N GLU B 293 3.16 -23.55 10.65
CA GLU B 293 2.68 -23.37 12.02
C GLU B 293 3.51 -22.31 12.76
N GLY B 294 2.83 -21.43 13.49
CA GLY B 294 3.48 -20.32 14.21
C GLY B 294 3.19 -18.95 13.62
N HIS B 295 2.38 -18.92 12.55
CA HIS B 295 1.89 -17.68 11.98
C HIS B 295 0.41 -17.51 12.33
N PRO B 296 0.08 -16.53 13.19
CA PRO B 296 -1.28 -16.39 13.72
C PRO B 296 -2.35 -15.93 12.73
N THR B 297 -3.58 -16.38 13.05
CA THR B 297 -4.88 -16.28 12.34
C THR B 297 -5.19 -15.32 11.21
N PRO B 298 -4.80 -14.02 11.32
CA PRO B 298 -4.86 -13.14 10.14
C PRO B 298 -3.64 -13.19 9.20
N LEU B 299 -2.43 -13.20 9.76
CA LEU B 299 -1.19 -13.23 8.99
C LEU B 299 -0.62 -14.64 8.88
N GLY B 300 -1.48 -15.57 8.46
CA GLY B 300 -1.20 -17.00 8.47
C GLY B 300 -2.45 -17.77 8.86
N GLY B 301 -2.33 -18.65 9.86
CA GLY B 301 -3.47 -19.41 10.39
C GLY B 301 -3.44 -20.90 10.09
N TYR B 302 -2.51 -21.31 9.23
CA TYR B 302 -2.38 -22.72 8.87
C TYR B 302 -1.26 -23.40 9.69
N ASN B 303 -1.22 -24.73 9.62
CA ASN B 303 -0.38 -25.52 10.51
C ASN B 303 0.60 -26.43 9.76
N LEU B 304 1.13 -25.98 8.64
CA LEU B 304 2.13 -26.80 7.93
C LEU B 304 3.42 -26.93 8.74
N SER B 305 4.12 -28.04 8.54
CA SER B 305 5.47 -28.18 9.08
C SER B 305 6.48 -27.67 8.06
N ALA B 306 7.61 -27.20 8.56
CA ALA B 306 8.73 -26.78 7.70
C ALA B 306 9.19 -27.96 6.85
N ARG B 307 9.30 -29.11 7.50
CA ARG B 307 9.68 -30.37 6.86
C ARG B 307 8.86 -30.64 5.59
N CYS B 308 7.56 -30.33 5.63
CA CYS B 308 6.69 -30.52 4.46
C CYS B 308 7.16 -29.76 3.22
N PHE B 309 7.71 -28.56 3.42
CA PHE B 309 8.20 -27.76 2.28
C PHE B 309 9.41 -28.40 1.59
N GLY B 310 10.22 -29.16 2.33
CA GLY B 310 11.30 -29.97 1.73
C GLY B 310 10.74 -30.99 0.76
N TYR B 311 9.65 -31.62 1.16
CA TYR B 311 8.97 -32.61 0.32
CA TYR B 311 8.94 -32.63 0.35
C TYR B 311 8.30 -31.99 -0.89
N LEU B 312 7.64 -30.84 -0.70
CA LEU B 312 7.03 -30.12 -1.81
C LEU B 312 8.11 -29.68 -2.81
N THR B 313 9.26 -29.22 -2.32
CA THR B 313 10.38 -28.84 -3.19
C THR B 313 10.88 -30.06 -4.00
N LYS B 314 11.08 -31.18 -3.33
CA LYS B 314 11.55 -32.42 -3.97
CA LYS B 314 11.54 -32.42 -3.97
C LYS B 314 10.60 -32.85 -5.09
N GLN B 315 9.29 -32.71 -4.87
CA GLN B 315 8.30 -33.02 -5.90
C GLN B 315 8.46 -32.15 -7.15
N LEU B 316 8.60 -30.83 -6.97
CA LEU B 316 8.81 -29.92 -8.10
C LEU B 316 10.16 -30.15 -8.80
N MET B 317 11.16 -30.64 -8.08
CA MET B 317 12.47 -31.00 -8.68
C MET B 317 12.34 -32.13 -9.73
N GLY B 318 11.25 -32.88 -9.69
CA GLY B 318 10.95 -33.92 -10.69
C GLY B 318 10.50 -33.36 -12.02
N LEU B 319 10.29 -32.04 -12.09
CA LEU B 319 9.89 -31.36 -13.31
C LEU B 319 11.07 -30.58 -13.88
N ALA B 320 10.99 -30.28 -15.18
CA ALA B 320 11.97 -29.46 -15.92
C ALA B 320 13.40 -29.96 -15.81
N GLY B 321 13.56 -31.28 -15.67
CA GLY B 321 14.86 -31.89 -15.43
C GLY B 321 15.60 -31.37 -14.20
N GLY B 322 14.85 -30.78 -13.26
CA GLY B 322 15.42 -30.18 -12.06
C GLY B 322 15.81 -28.72 -12.16
N ARG B 323 15.37 -28.07 -13.23
CA ARG B 323 15.70 -26.66 -13.50
C ARG B 323 14.72 -25.76 -12.74
N ILE B 324 15.00 -25.57 -11.45
CA ILE B 324 14.08 -24.92 -10.51
C ILE B 324 14.78 -23.86 -9.65
N VAL B 325 14.09 -22.74 -9.42
CA VAL B 325 14.55 -21.67 -8.51
C VAL B 325 13.42 -21.25 -7.57
N LEU B 326 13.69 -21.25 -6.26
CA LEU B 326 12.77 -20.74 -5.23
C LEU B 326 13.20 -19.33 -4.83
N ALA B 327 12.24 -18.43 -4.68
CA ALA B 327 12.47 -17.06 -4.21
C ALA B 327 11.62 -16.77 -2.98
N LEU B 328 12.25 -16.30 -1.89
CA LEU B 328 11.51 -16.00 -0.66
C LEU B 328 10.41 -14.95 -0.92
N GLU B 329 9.19 -15.21 -0.43
CA GLU B 329 8.12 -14.22 -0.46
C GLU B 329 7.79 -13.86 1.00
N GLY B 330 6.61 -14.22 1.50
CA GLY B 330 6.22 -13.96 2.89
C GLY B 330 6.66 -14.99 3.92
N GLY B 331 5.99 -14.95 5.08
CA GLY B 331 6.47 -15.64 6.28
C GLY B 331 7.22 -14.64 7.14
N HIS B 332 7.10 -14.74 8.46
CA HIS B 332 7.74 -13.79 9.38
C HIS B 332 8.19 -14.36 10.73
N ASP B 333 7.61 -15.47 11.16
CA ASP B 333 8.10 -16.18 12.35
C ASP B 333 9.50 -16.70 12.04
N LEU B 334 10.50 -16.23 12.78
CA LEU B 334 11.90 -16.48 12.42
C LEU B 334 12.26 -17.96 12.46
N THR B 335 11.84 -18.67 13.50
CA THR B 335 12.08 -20.10 13.60
C THR B 335 11.47 -20.86 12.41
N ALA B 336 10.20 -20.57 12.12
CA ALA B 336 9.47 -21.25 11.05
C ALA B 336 10.13 -21.02 9.69
N ILE B 337 10.47 -19.77 9.37
CA ILE B 337 11.02 -19.45 8.05
C ILE B 337 12.47 -19.97 7.89
N CYS B 338 13.21 -20.04 9.01
CA CYS B 338 14.56 -20.63 8.98
C CYS B 338 14.50 -22.16 8.86
N ASP B 339 13.61 -22.79 9.63
CA ASP B 339 13.34 -24.22 9.51
C ASP B 339 12.97 -24.60 8.08
N ALA B 340 12.08 -23.81 7.47
CA ALA B 340 11.55 -24.08 6.13
C ALA B 340 12.60 -23.85 5.04
N SER B 341 13.34 -22.74 5.16
CA SER B 341 14.43 -22.43 4.24
C SER B 341 15.48 -23.56 4.28
N GLU B 342 15.80 -24.04 5.48
CA GLU B 342 16.77 -25.14 5.65
C GLU B 342 16.29 -26.41 4.93
N ALA B 343 15.02 -26.75 5.11
CA ALA B 343 14.41 -27.91 4.47
C ALA B 343 14.45 -27.84 2.92
N CYS B 344 14.11 -26.67 2.38
CA CYS B 344 14.07 -26.49 0.93
C CYS B 344 15.46 -26.58 0.30
N VAL B 345 16.46 -25.91 0.91
CA VAL B 345 17.83 -25.92 0.38
C VAL B 345 18.45 -27.32 0.55
N SER B 346 18.16 -27.99 1.67
CA SER B 346 18.58 -29.37 1.85
CA SER B 346 18.56 -29.39 1.86
C SER B 346 18.01 -30.26 0.74
N ALA B 347 16.74 -30.04 0.38
CA ALA B 347 16.11 -30.75 -0.72
C ALA B 347 16.78 -30.44 -2.06
N LEU B 348 17.02 -29.16 -2.34
CA LEU B 348 17.71 -28.75 -3.57
C LEU B 348 19.11 -29.39 -3.71
N LEU B 349 19.81 -29.55 -2.59
CA LEU B 349 21.12 -30.20 -2.59
C LEU B 349 21.07 -31.73 -2.78
N GLY B 350 19.87 -32.32 -2.73
CA GLY B 350 19.73 -33.77 -2.88
C GLY B 350 20.00 -34.52 -1.58
N ASN B 351 19.94 -33.80 -0.46
CA ASN B 351 20.19 -34.42 0.83
C ASN B 351 18.99 -35.28 1.21
N GLU B 352 19.21 -36.30 2.03
CA GLU B 352 18.13 -37.14 2.51
C GLU B 352 17.27 -36.32 3.46
N LEU B 353 15.98 -36.19 3.14
CA LEU B 353 15.04 -35.44 3.97
C LEU B 353 14.62 -36.25 5.20
N ASP B 354 14.37 -35.55 6.30
CA ASP B 354 13.80 -36.18 7.49
C ASP B 354 12.39 -36.67 7.15
N PRO B 355 12.09 -37.97 7.37
CA PRO B 355 10.78 -38.51 6.95
C PRO B 355 9.61 -37.77 7.57
N LEU B 356 8.52 -37.62 6.81
CA LEU B 356 7.28 -37.09 7.37
C LEU B 356 6.76 -38.09 8.40
N PRO B 357 6.20 -37.60 9.51
CA PRO B 357 5.65 -38.52 10.50
C PRO B 357 4.62 -39.50 9.89
N GLU B 358 4.66 -40.75 10.36
CA GLU B 358 3.69 -41.78 9.99
C GLU B 358 2.25 -41.24 10.08
N LYS B 359 1.97 -40.46 11.12
CA LYS B 359 0.66 -39.83 11.31
C LYS B 359 0.23 -38.98 10.12
N VAL B 360 1.14 -38.16 9.61
CA VAL B 360 0.83 -37.30 8.45
C VAL B 360 0.56 -38.13 7.20
N LEU B 361 1.40 -39.13 6.95
CA LEU B 361 1.22 -40.05 5.82
C LEU B 361 -0.11 -40.82 5.87
N GLN B 362 -0.61 -41.08 7.07
CA GLN B 362 -1.88 -41.82 7.29
C GLN B 362 -3.14 -40.94 7.37
N GLN B 363 -2.95 -39.62 7.35
CA GLN B 363 -4.04 -38.68 7.62
C GLN B 363 -4.88 -38.36 6.39
N ARG B 364 -6.19 -38.54 6.51
CA ARG B 364 -7.10 -38.08 5.47
C ARG B 364 -7.23 -36.55 5.56
N PRO B 365 -7.21 -35.86 4.40
CA PRO B 365 -7.41 -34.40 4.42
C PRO B 365 -8.79 -34.02 4.96
N ASN B 366 -8.87 -32.90 5.69
CA ASN B 366 -10.14 -32.46 6.27
C ASN B 366 -11.21 -32.16 5.20
N ALA B 367 -12.47 -32.17 5.62
CA ALA B 367 -13.62 -32.02 4.71
C ALA B 367 -13.56 -30.72 3.89
N ASN B 368 -13.15 -29.62 4.52
CA ASN B 368 -13.07 -28.32 3.83
C ASN B 368 -12.02 -28.34 2.70
N ALA B 369 -10.89 -29.00 2.94
CA ALA B 369 -9.86 -29.16 1.91
C ALA B 369 -10.34 -30.07 0.77
N VAL B 370 -11.03 -31.16 1.12
CA VAL B 370 -11.58 -32.05 0.11
C VAL B 370 -12.55 -31.29 -0.82
N ARG B 371 -13.48 -30.54 -0.24
CA ARG B 371 -14.40 -29.70 -1.02
C ARG B 371 -13.63 -28.72 -1.92
N SER B 372 -12.62 -28.06 -1.36
CA SER B 372 -11.80 -27.09 -2.09
C SER B 372 -11.10 -27.69 -3.29
N MET B 373 -10.43 -28.82 -3.06
CA MET B 373 -9.74 -29.55 -4.12
C MET B 373 -10.70 -30.01 -5.22
N GLU B 374 -11.87 -30.51 -4.81
CA GLU B 374 -12.85 -31.05 -5.77
C GLU B 374 -13.45 -29.94 -6.64
N LYS B 375 -13.62 -28.75 -6.04
CA LYS B 375 -14.09 -27.58 -6.78
C LYS B 375 -13.09 -27.18 -7.88
N VAL B 376 -11.80 -27.14 -7.52
CA VAL B 376 -10.73 -26.81 -8.46
C VAL B 376 -10.61 -27.86 -9.59
N MET B 377 -10.67 -29.14 -9.23
CA MET B 377 -10.58 -30.21 -10.22
C MET B 377 -11.74 -30.17 -11.22
N GLU B 378 -12.95 -29.95 -10.70
CA GLU B 378 -14.15 -29.82 -11.52
C GLU B 378 -13.96 -28.73 -12.58
N ILE B 379 -13.51 -27.56 -12.13
CA ILE B 379 -13.28 -26.41 -13.01
C ILE B 379 -12.22 -26.72 -14.09
N HIS B 380 -11.10 -27.29 -13.67
CA HIS B 380 -9.99 -27.51 -14.59
C HIS B 380 -10.04 -28.83 -15.38
N SER B 381 -11.05 -29.66 -15.14
CA SER B 381 -11.27 -30.87 -15.95
C SER B 381 -11.58 -30.48 -17.40
N LYS B 382 -12.12 -29.28 -17.59
CA LYS B 382 -12.38 -28.72 -18.91
C LYS B 382 -11.09 -28.49 -19.74
N TYR B 383 -9.97 -28.25 -19.08
CA TYR B 383 -8.73 -27.82 -19.75
C TYR B 383 -7.58 -28.82 -19.69
N TRP B 384 -7.67 -29.81 -18.80
CA TRP B 384 -6.57 -30.75 -18.59
C TRP B 384 -7.01 -32.20 -18.68
N ARG B 385 -6.34 -32.95 -19.54
CA ARG B 385 -6.68 -34.36 -19.80
CA ARG B 385 -6.65 -34.36 -19.80
C ARG B 385 -6.56 -35.20 -18.54
N CYS B 386 -5.54 -34.91 -17.71
CA CYS B 386 -5.31 -35.65 -16.46
C CYS B 386 -6.48 -35.56 -15.48
N LEU B 387 -7.32 -34.55 -15.61
CA LEU B 387 -8.49 -34.40 -14.76
C LEU B 387 -9.81 -34.86 -15.41
N GLN B 388 -9.73 -35.40 -16.63
CA GLN B 388 -10.89 -35.85 -17.40
C GLN B 388 -11.12 -37.36 -17.32
N ARG B 389 -10.08 -38.12 -16.95
CA ARG B 389 -10.13 -39.59 -17.00
C ARG B 389 -10.68 -40.25 -15.73
N THR B 390 -10.95 -39.48 -14.69
CA THR B 390 -11.16 -40.05 -13.35
C THR B 390 -12.17 -39.26 -12.51
N THR B 391 -12.57 -39.86 -11.38
CA THR B 391 -13.28 -39.16 -10.31
C THR B 391 -12.40 -39.00 -9.07
N SER B 392 -12.81 -38.12 -8.17
CA SER B 392 -11.99 -37.66 -7.05
C SER B 392 -11.60 -38.74 -6.03
N THR B 393 -10.32 -38.73 -5.66
CA THR B 393 -9.83 -39.45 -4.50
C THR B 393 -9.10 -38.47 -3.57
N ALA B 394 -9.50 -37.20 -3.61
CA ALA B 394 -8.92 -36.15 -2.79
C ALA B 394 -9.05 -36.42 -1.28
N GLY B 395 -10.02 -37.25 -0.91
CA GLY B 395 -10.28 -37.58 0.50
C GLY B 395 -9.45 -38.70 1.08
N ARG B 396 -8.61 -39.33 0.26
CA ARG B 396 -7.67 -40.36 0.72
C ARG B 396 -6.39 -39.79 1.34
N SER B 397 -5.83 -40.51 2.32
CA SER B 397 -4.49 -40.20 2.82
C SER B 397 -3.44 -40.55 1.75
N LEU B 398 -2.19 -40.14 1.98
CA LEU B 398 -1.11 -40.42 1.02
C LEU B 398 -0.93 -41.93 0.84
N ILE B 399 -0.92 -42.66 1.95
CA ILE B 399 -0.74 -44.11 1.92
C ILE B 399 -1.93 -44.78 1.23
N GLU B 400 -3.15 -44.34 1.52
CA GLU B 400 -4.36 -44.87 0.87
C GLU B 400 -4.33 -44.64 -0.64
N ALA B 401 -3.93 -43.45 -1.06
CA ALA B 401 -3.77 -43.15 -2.48
C ALA B 401 -2.75 -44.08 -3.13
N GLN B 402 -1.64 -44.33 -2.44
CA GLN B 402 -0.58 -45.21 -2.95
C GLN B 402 -1.09 -46.65 -3.10
N THR B 403 -1.72 -47.15 -2.05
CA THR B 403 -2.26 -48.50 -2.02
C THR B 403 -3.23 -48.77 -3.17
N CYS B 404 -4.20 -47.88 -3.34
CA CYS B 404 -5.18 -48.01 -4.39
C CYS B 404 -4.55 -47.64 -5.74
N GLU B 405 -4.08 -48.66 -6.46
CA GLU B 405 -3.35 -48.47 -7.72
C GLU B 405 -2.10 -49.32 -7.79
#